data_8RSN
#
_entry.id   8RSN
#
_cell.length_a   61.739
_cell.length_b   135.089
_cell.length_c   147.625
_cell.angle_alpha   90.000
_cell.angle_beta   90.000
_cell.angle_gamma   90.000
#
_symmetry.space_group_name_H-M   'P 21 21 21'
#
loop_
_entity.id
_entity.type
_entity.pdbx_description
1 polymer "ADP-ribose 1''-phosphate phosphatase"
2 non-polymer 1,2-ETHANEDIOL
3 non-polymer 'THIOCYANATE ION'
4 non-polymer 'ZINC ION'
5 non-polymer 'POTASSIUM ION'
6 water water
#
_entity_poly.entity_id   1
_entity_poly.type   'polypeptide(L)'
_entity_poly.pdbx_seq_one_letter_code
;GPMRTTLTGTASVLDTTLTRLIDDVIENGSSFLADDENLQHYKQHLSHLETASKIALLRECLCVRPPLPLLPEDLLQNVD
SILTRVRQHKILTPIFSLSPSRLIKHGDLGATRIHLWRGDITTLTGVTAITNAANSQGLGCFQPTHRCIDNIIHAEAGPR
LREECFQRMQARGKELEPGEVLVTEGHALFASSVMHTVGPQLKRGASPTETERRQLAKCYESILEALELLPSDEDGSKSI
ALCCISTGLFAFPADEAAEIAVSTVTSWLQKHPSTTITDVIFNTFTQSDTEFYSKLLGPSHTKSISPVENTPQGSLSLAR
EWLSSADAVLVTAGAGLSAAEGLDYHSRDLFKRNFPGCLKFGLTSLYSVFGFNDWPSEEHRWGYFFTHLNMVANWSNTPT
YQTLIPWLRNFGQDAFVRTSAADGLFLANGWPKEQLSTPQGSYGYLQCLNNCRVDAVVPSAPLVADAMPHIDKATQKLMD
PSKIPLCRFCGSKMSICVRAGSWFNQAPYQEGEAQWKAWKSRVLREKKNLVILELGVGMNTPGVLRWPNEDLVMRSDGRV
KLIRVGMGPEAMVPWEQEDEGLSTCVQGDIGRAIPLLLE
;
_entity_poly.pdbx_strand_id   A,B
#
loop_
_chem_comp.id
_chem_comp.type
_chem_comp.name
_chem_comp.formula
EDO non-polymer 1,2-ETHANEDIOL 'C2 H6 O2'
K non-polymer 'POTASSIUM ION' 'K 1'
SCN non-polymer 'THIOCYANATE ION' 'C N S -1'
ZN non-polymer 'ZINC ION' 'Zn 2'
#
# COMPACT_ATOMS: atom_id res chain seq x y z
N THR A 10 -14.75 29.90 1.24
CA THR A 10 -14.48 28.73 0.36
C THR A 10 -13.53 27.74 1.05
N ALA A 11 -13.89 26.46 0.94
CA ALA A 11 -12.94 25.36 0.96
C ALA A 11 -11.93 25.51 -0.18
N SER A 12 -10.88 24.68 -0.15
CA SER A 12 -9.87 24.65 -1.20
C SER A 12 -10.45 24.03 -2.48
N VAL A 13 -9.72 24.25 -3.58
CA VAL A 13 -10.03 23.63 -4.86
C VAL A 13 -10.02 22.08 -4.75
N LEU A 14 -9.10 21.50 -3.94
CA LEU A 14 -9.07 20.05 -3.78
C LEU A 14 -10.32 19.53 -3.11
N ASP A 15 -10.74 20.23 -2.03
CA ASP A 15 -11.91 19.83 -1.26
C ASP A 15 -13.18 20.00 -2.13
N THR A 16 -13.38 21.16 -2.73
CA THR A 16 -14.47 21.38 -3.67
C THR A 16 -14.55 20.34 -4.78
N THR A 17 -13.43 20.08 -5.46
CA THR A 17 -13.41 19.20 -6.61
C THR A 17 -13.71 17.78 -6.17
N LEU A 18 -13.09 17.38 -5.05
CA LEU A 18 -13.32 16.03 -4.54
C LEU A 18 -14.78 15.82 -4.15
N THR A 19 -15.47 16.81 -3.57
CA THR A 19 -16.83 16.54 -3.13
C THR A 19 -17.74 16.39 -4.36
N ARG A 20 -17.50 17.15 -5.43
CA ARG A 20 -18.28 17.03 -6.65
C ARG A 20 -18.06 15.69 -7.36
N LEU A 21 -16.89 15.07 -7.20
CA LEU A 21 -16.63 13.79 -7.85
C LEU A 21 -17.26 12.68 -7.03
N ILE A 22 -17.21 12.79 -5.69
CA ILE A 22 -17.93 11.85 -4.85
C ILE A 22 -19.42 11.98 -5.19
N ASP A 23 -19.93 13.23 -5.28
CA ASP A 23 -21.32 13.54 -5.63
C ASP A 23 -21.67 12.96 -7.00
N ASP A 24 -20.75 13.07 -7.97
CA ASP A 24 -20.96 12.50 -9.29
C ASP A 24 -21.07 10.99 -9.18
N VAL A 25 -20.27 10.37 -8.31
CA VAL A 25 -20.32 8.93 -8.12
C VAL A 25 -21.68 8.50 -7.55
N ILE A 26 -22.43 9.40 -6.89
CA ILE A 26 -23.80 9.11 -6.47
C ILE A 26 -24.75 9.30 -7.66
N GLU A 27 -25.15 10.56 -7.93
CA GLU A 27 -26.30 10.85 -8.78
C GLU A 27 -26.31 9.90 -9.98
N ASN A 28 -25.17 9.74 -10.67
CA ASN A 28 -25.14 8.99 -11.91
C ASN A 28 -23.88 8.11 -12.00
N GLY A 29 -23.37 7.65 -10.86
CA GLY A 29 -22.10 6.96 -10.83
C GLY A 29 -22.24 5.48 -11.14
N SER A 30 -21.12 4.76 -11.02
CA SER A 30 -21.12 3.31 -11.13
C SER A 30 -21.46 2.72 -9.76
N SER A 31 -21.28 1.41 -9.61
CA SER A 31 -21.12 0.83 -8.29
C SER A 31 -19.88 -0.08 -8.27
N PHE A 32 -18.78 0.51 -7.76
CA PHE A 32 -17.50 -0.16 -7.56
C PHE A 32 -17.02 0.11 -6.13
N LEU A 39 -18.64 5.46 1.16
CA LEU A 39 -19.90 5.96 0.55
C LEU A 39 -20.03 7.45 0.91
N GLN A 40 -20.90 7.79 1.87
CA GLN A 40 -21.35 9.14 2.11
C GLN A 40 -20.32 9.90 2.94
N HIS A 41 -19.77 9.23 3.96
CA HIS A 41 -19.19 9.91 5.12
C HIS A 41 -18.06 10.84 4.69
N TYR A 42 -17.25 10.39 3.72
CA TYR A 42 -16.03 11.10 3.35
C TYR A 42 -16.34 12.55 3.01
N LYS A 43 -17.53 12.82 2.48
CA LYS A 43 -17.88 14.14 1.97
C LYS A 43 -17.89 15.21 3.08
N GLN A 44 -18.28 14.85 4.31
CA GLN A 44 -18.44 15.82 5.39
C GLN A 44 -17.12 16.01 6.15
N HIS A 45 -16.37 14.90 6.33
CA HIS A 45 -15.20 14.85 7.21
C HIS A 45 -13.93 15.23 6.45
N LEU A 46 -14.01 15.09 5.12
CA LEU A 46 -13.12 15.61 4.11
C LEU A 46 -12.22 16.77 4.53
N SER A 47 -12.84 17.84 5.00
CA SER A 47 -12.14 19.05 5.38
C SER A 47 -11.08 18.79 6.48
N HIS A 48 -11.20 17.67 7.23
CA HIS A 48 -10.21 17.33 8.24
C HIS A 48 -9.48 16.03 7.86
N LEU A 49 -9.46 15.64 6.58
CA LEU A 49 -8.71 14.48 6.15
C LEU A 49 -7.38 14.94 5.55
N GLU A 50 -6.44 14.00 5.44
CA GLU A 50 -5.08 14.33 5.07
C GLU A 50 -5.04 14.59 3.55
N THR A 51 -4.25 15.59 3.16
CA THR A 51 -4.12 15.98 1.78
C THR A 51 -3.81 14.81 0.84
N ALA A 52 -2.79 14.02 1.15
CA ALA A 52 -2.41 12.90 0.30
C ALA A 52 -3.56 11.90 0.13
N SER A 53 -4.29 11.65 1.21
CA SER A 53 -5.42 10.72 1.16
C SER A 53 -6.50 11.22 0.20
N LYS A 54 -6.71 12.52 0.20
CA LYS A 54 -7.75 13.10 -0.60
C LYS A 54 -7.35 13.10 -2.08
N ILE A 55 -6.07 13.28 -2.38
CA ILE A 55 -5.61 13.21 -3.77
C ILE A 55 -5.74 11.77 -4.27
N ALA A 56 -5.43 10.78 -3.44
CA ALA A 56 -5.59 9.39 -3.84
C ALA A 56 -7.05 9.10 -4.10
N LEU A 57 -7.95 9.63 -3.27
CA LEU A 57 -9.38 9.42 -3.48
C LEU A 57 -9.84 10.08 -4.80
N LEU A 58 -9.47 11.33 -5.00
CA LEU A 58 -9.76 12.02 -6.24
C LEU A 58 -9.27 11.19 -7.43
N ARG A 59 -8.07 10.61 -7.38
CA ARG A 59 -7.58 9.83 -8.52
C ARG A 59 -8.36 8.54 -8.69
N GLU A 60 -8.87 7.97 -7.58
CA GLU A 60 -9.67 6.77 -7.62
C GLU A 60 -11.01 7.08 -8.27
N CYS A 61 -11.64 8.17 -7.86
CA CYS A 61 -12.89 8.60 -8.46
C CYS A 61 -12.80 8.71 -9.98
N LEU A 62 -11.63 9.12 -10.51
CA LEU A 62 -11.45 9.33 -11.93
C LEU A 62 -11.18 8.00 -12.64
N CYS A 63 -10.38 7.11 -12.02
CA CYS A 63 -10.11 5.78 -12.55
C CYS A 63 -11.39 4.96 -12.71
N VAL A 64 -12.40 5.13 -11.83
CA VAL A 64 -13.63 4.36 -11.89
C VAL A 64 -14.78 5.20 -12.45
N ARG A 65 -14.44 6.33 -13.08
CA ARG A 65 -15.42 7.13 -13.78
C ARG A 65 -15.97 6.30 -14.95
N PRO A 66 -17.30 6.03 -15.01
CA PRO A 66 -17.91 5.59 -16.26
C PRO A 66 -17.76 6.78 -17.21
N PRO A 67 -17.17 6.63 -18.43
CA PRO A 67 -16.92 7.77 -19.30
C PRO A 67 -18.20 8.46 -19.77
N LEU A 68 -19.33 8.10 -19.14
CA LEU A 68 -20.64 8.14 -19.79
C LEU A 68 -21.11 9.59 -19.89
N PRO A 69 -21.67 10.25 -18.84
CA PRO A 69 -22.04 11.67 -18.95
C PRO A 69 -20.77 12.49 -18.75
N LEU A 70 -20.48 13.41 -19.68
CA LEU A 70 -19.30 14.24 -19.57
C LEU A 70 -19.41 15.08 -18.32
N LEU A 71 -18.31 15.08 -17.52
CA LEU A 71 -18.11 16.08 -16.49
C LEU A 71 -18.23 17.45 -17.14
N PRO A 72 -18.83 18.44 -16.43
CA PRO A 72 -18.92 19.81 -16.95
C PRO A 72 -17.56 20.49 -17.00
N GLU A 73 -17.52 21.55 -17.77
CA GLU A 73 -16.29 22.21 -18.14
C GLU A 73 -15.57 22.67 -16.87
N ASP A 74 -16.27 23.37 -15.96
CA ASP A 74 -15.61 24.03 -14.84
C ASP A 74 -14.94 23.01 -13.89
N LEU A 75 -15.50 21.80 -13.82
CA LEU A 75 -15.00 20.73 -13.00
C LEU A 75 -13.78 20.09 -13.65
N LEU A 76 -13.81 19.94 -14.96
CA LEU A 76 -12.66 19.43 -15.72
C LEU A 76 -11.49 20.38 -15.58
N GLN A 77 -11.74 21.69 -15.55
CA GLN A 77 -10.67 22.66 -15.37
C GLN A 77 -10.00 22.48 -14.01
N ASN A 78 -10.80 22.30 -12.96
CA ASN A 78 -10.30 22.09 -11.64
C ASN A 78 -9.50 20.79 -11.56
N VAL A 79 -10.08 19.67 -12.05
CA VAL A 79 -9.36 18.42 -12.08
C VAL A 79 -7.99 18.65 -12.74
N ASP A 80 -8.00 19.33 -13.89
CA ASP A 80 -6.78 19.54 -14.69
C ASP A 80 -5.78 20.38 -13.89
N SER A 81 -6.22 21.41 -13.17
CA SER A 81 -5.33 22.23 -12.36
C SER A 81 -4.66 21.41 -11.25
N ILE A 82 -5.41 20.49 -10.65
CA ILE A 82 -4.93 19.75 -9.52
C ILE A 82 -3.87 18.75 -9.97
N LEU A 83 -4.17 18.03 -11.07
CA LEU A 83 -3.24 17.04 -11.61
C LEU A 83 -1.92 17.72 -11.97
N THR A 84 -2.00 18.93 -12.50
CA THR A 84 -0.84 19.65 -12.95
C THR A 84 -0.03 20.11 -11.74
N ARG A 85 -0.72 20.72 -10.77
CA ARG A 85 -0.04 21.21 -9.57
C ARG A 85 0.62 20.04 -8.84
N VAL A 86 -0.02 18.90 -8.75
CA VAL A 86 0.59 17.77 -8.06
C VAL A 86 1.79 17.27 -8.86
N ARG A 87 1.67 17.22 -10.20
CA ARG A 87 2.75 16.67 -11.02
C ARG A 87 3.98 17.58 -10.97
N GLN A 88 3.83 18.86 -10.65
CA GLN A 88 4.96 19.78 -10.53
C GLN A 88 5.84 19.53 -9.30
N HIS A 89 5.38 18.64 -8.40
CA HIS A 89 6.18 18.21 -7.25
C HIS A 89 7.23 17.20 -7.66
N LYS A 90 7.04 16.57 -8.83
CA LYS A 90 8.03 15.65 -9.33
C LYS A 90 9.25 16.43 -9.74
N ILE A 91 10.39 15.74 -9.77
CA ILE A 91 11.56 16.29 -10.41
C ILE A 91 11.34 16.27 -11.94
N LEU A 92 11.38 17.45 -12.53
CA LEU A 92 11.01 17.72 -13.89
C LEU A 92 12.30 17.86 -14.71
N THR A 93 12.29 17.31 -15.94
CA THR A 93 13.38 17.50 -16.90
C THR A 93 12.91 18.23 -18.17
N PRO A 94 13.21 19.53 -18.35
CA PRO A 94 12.97 20.23 -19.63
C PRO A 94 13.74 19.61 -20.78
N ILE A 95 13.11 19.50 -21.96
CA ILE A 95 13.79 18.96 -23.15
C ILE A 95 15.11 19.71 -23.39
N PHE A 96 15.08 21.03 -23.27
CA PHE A 96 16.27 21.82 -23.63
C PHE A 96 17.40 21.65 -22.62
N SER A 97 17.26 20.80 -21.60
CA SER A 97 18.34 20.51 -20.67
C SER A 97 19.07 19.23 -21.06
N LEU A 98 18.50 18.42 -21.96
CA LEU A 98 19.10 17.13 -22.23
C LEU A 98 20.32 17.32 -23.12
N SER A 99 21.21 16.33 -23.08
CA SER A 99 22.38 16.32 -23.92
C SER A 99 22.25 15.20 -24.96
N PRO A 100 22.41 15.52 -26.28
CA PRO A 100 22.33 14.54 -27.35
C PRO A 100 23.39 13.45 -27.41
N SER A 101 23.04 12.28 -27.97
CA SER A 101 23.95 11.19 -28.28
C SER A 101 24.22 11.05 -29.78
N ARG A 102 23.53 11.84 -30.59
CA ARG A 102 23.65 11.78 -32.04
C ARG A 102 23.02 13.05 -32.62
N LEU A 103 23.63 13.56 -33.68
CA LEU A 103 23.19 14.77 -34.36
C LEU A 103 22.98 14.40 -35.83
N ILE A 104 21.77 14.69 -36.33
CA ILE A 104 21.47 14.51 -37.73
C ILE A 104 21.47 15.87 -38.38
N LYS A 105 22.50 16.09 -39.22
CA LYS A 105 22.78 17.41 -39.75
C LYS A 105 22.03 17.52 -41.08
N HIS A 106 21.26 18.61 -41.21
CA HIS A 106 20.47 18.89 -42.40
C HIS A 106 21.15 19.96 -43.27
N GLY A 107 22.20 19.56 -44.00
CA GLY A 107 23.03 20.48 -44.76
C GLY A 107 23.42 21.70 -43.90
N ASP A 108 22.84 22.86 -44.25
CA ASP A 108 22.99 24.08 -43.48
C ASP A 108 21.62 24.58 -42.97
N LEU A 109 20.56 23.77 -43.18
CA LEU A 109 19.18 24.13 -42.86
C LEU A 109 18.93 24.14 -41.33
N GLY A 110 19.78 23.46 -40.55
CA GLY A 110 19.43 23.06 -39.20
C GLY A 110 19.91 21.64 -38.89
N ALA A 111 19.27 21.00 -37.91
CA ALA A 111 19.70 19.72 -37.39
C ALA A 111 18.65 19.14 -36.45
N THR A 112 18.60 17.80 -36.38
CA THR A 112 17.78 17.12 -35.38
C THR A 112 18.72 16.46 -34.37
N ARG A 113 18.48 16.76 -33.10
CA ARG A 113 19.20 16.13 -32.00
C ARG A 113 18.46 14.88 -31.57
N ILE A 114 19.21 13.81 -31.35
CA ILE A 114 18.67 12.55 -30.86
C ILE A 114 19.22 12.28 -29.45
N HIS A 115 18.35 12.11 -28.45
CA HIS A 115 18.75 11.93 -27.08
C HIS A 115 18.29 10.57 -26.53
N LEU A 116 18.98 10.11 -25.48
CA LEU A 116 18.54 8.94 -24.74
C LEU A 116 18.31 9.39 -23.30
N TRP A 117 17.17 8.98 -22.74
CA TRP A 117 16.82 9.49 -21.43
C TRP A 117 15.96 8.49 -20.71
N ARG A 118 16.47 8.11 -19.53
CA ARG A 118 15.79 7.18 -18.65
C ARG A 118 14.99 7.94 -17.59
N GLY A 119 13.71 7.58 -17.44
CA GLY A 119 12.83 8.32 -16.59
C GLY A 119 11.36 8.21 -16.99
N ASP A 120 10.56 8.95 -16.23
CA ASP A 120 9.11 9.01 -16.32
C ASP A 120 8.74 10.03 -17.40
N ILE A 121 8.07 9.55 -18.46
CA ILE A 121 7.85 10.35 -19.66
C ILE A 121 6.95 11.54 -19.41
N THR A 122 6.01 11.43 -18.46
CA THR A 122 5.17 12.55 -18.05
C THR A 122 5.89 13.64 -17.26
N THR A 123 7.19 13.49 -16.97
CA THR A 123 7.88 14.55 -16.24
C THR A 123 8.86 15.32 -17.15
N LEU A 124 8.87 15.00 -18.47
CA LEU A 124 9.57 15.83 -19.44
C LEU A 124 8.74 17.07 -19.67
N THR A 125 9.44 18.20 -19.79
CA THR A 125 8.78 19.48 -19.96
C THR A 125 9.26 20.11 -21.26
N GLY A 126 8.42 20.99 -21.82
CA GLY A 126 8.84 21.70 -23.03
C GLY A 126 8.92 20.75 -24.22
N VAL A 127 8.00 19.80 -24.28
CA VAL A 127 8.05 18.69 -25.20
C VAL A 127 6.79 18.76 -26.04
N THR A 128 6.93 18.74 -27.37
CA THR A 128 5.77 18.90 -28.21
C THR A 128 4.84 17.71 -28.11
N ALA A 129 5.42 16.50 -28.16
CA ALA A 129 4.63 15.27 -28.20
C ALA A 129 5.29 14.16 -27.41
N ILE A 130 4.46 13.25 -26.88
CA ILE A 130 4.92 12.03 -26.25
C ILE A 130 4.11 10.86 -26.77
N THR A 131 4.64 9.66 -26.58
CA THR A 131 4.10 8.45 -27.17
C THR A 131 3.47 7.56 -26.10
N ASN A 132 2.47 6.78 -26.50
CA ASN A 132 1.73 5.89 -25.63
C ASN A 132 1.36 4.66 -26.44
N ALA A 133 1.58 3.46 -25.89
CA ALA A 133 1.22 2.19 -26.53
C ALA A 133 -0.23 1.76 -26.20
N ALA A 134 -1.12 1.74 -27.21
CA ALA A 134 -2.41 1.05 -27.12
C ALA A 134 -3.42 1.88 -26.31
N ASP A 150 -0.41 3.15 -21.47
CA ASP A 150 -1.82 3.52 -21.16
C ASP A 150 -1.86 4.20 -19.80
N ASN A 151 -1.31 3.51 -18.78
CA ASN A 151 -1.68 3.72 -17.38
C ASN A 151 -1.20 5.10 -16.90
N ILE A 152 0.11 5.37 -16.95
CA ILE A 152 0.63 6.63 -16.45
C ILE A 152 0.09 7.81 -17.28
N ILE A 153 -0.06 7.65 -18.60
CA ILE A 153 -0.35 8.80 -19.42
C ILE A 153 -1.80 9.25 -19.18
N HIS A 154 -2.71 8.29 -19.09
CA HIS A 154 -4.13 8.56 -18.81
C HIS A 154 -4.40 9.16 -17.42
N ALA A 155 -3.73 8.64 -16.39
CA ALA A 155 -3.79 9.19 -15.04
C ALA A 155 -3.35 10.66 -15.04
N GLU A 156 -2.32 10.97 -15.81
CA GLU A 156 -1.73 12.29 -15.74
C GLU A 156 -2.45 13.27 -16.66
N ALA A 157 -3.02 12.79 -17.79
CA ALA A 157 -3.61 13.69 -18.78
C ALA A 157 -4.96 14.19 -18.30
N GLY A 158 -5.63 13.36 -17.50
CA GLY A 158 -6.94 13.69 -17.02
C GLY A 158 -8.02 13.10 -17.92
N PRO A 159 -9.29 13.19 -17.49
CA PRO A 159 -10.40 12.57 -18.19
C PRO A 159 -10.65 13.04 -19.63
N ARG A 160 -10.21 14.27 -19.93
CA ARG A 160 -10.36 14.76 -21.29
C ARG A 160 -9.68 13.82 -22.29
N LEU A 161 -8.60 13.13 -21.92
CA LEU A 161 -7.87 12.33 -22.88
C LEU A 161 -8.71 11.13 -23.26
N ARG A 162 -9.31 10.46 -22.27
CA ARG A 162 -10.22 9.34 -22.52
C ARG A 162 -11.34 9.75 -23.50
N GLU A 163 -11.93 10.93 -23.30
CA GLU A 163 -13.05 11.37 -24.10
C GLU A 163 -12.59 11.73 -25.52
N GLU A 164 -11.38 12.25 -25.70
CA GLU A 164 -10.92 12.59 -27.05
C GLU A 164 -10.51 11.32 -27.78
N CYS A 165 -9.87 10.35 -27.12
CA CYS A 165 -9.56 9.07 -27.75
C CYS A 165 -10.83 8.37 -28.21
N PHE A 166 -11.90 8.44 -27.38
CA PHE A 166 -13.17 7.78 -27.65
C PHE A 166 -13.81 8.37 -28.90
N GLN A 167 -13.95 9.70 -28.96
CA GLN A 167 -14.53 10.42 -30.07
C GLN A 167 -13.74 10.21 -31.37
N ARG A 168 -12.41 10.21 -31.30
CA ARG A 168 -11.63 10.16 -32.52
C ARG A 168 -11.67 8.75 -33.09
N MET A 169 -11.78 7.76 -32.19
CA MET A 169 -11.83 6.37 -32.60
C MET A 169 -13.17 6.10 -33.26
N GLN A 170 -14.28 6.52 -32.62
CA GLN A 170 -15.58 6.46 -33.26
C GLN A 170 -15.54 7.11 -34.65
N ALA A 171 -15.04 8.34 -34.73
CA ALA A 171 -15.12 9.14 -35.95
C ALA A 171 -14.28 8.57 -37.08
N ARG A 172 -13.27 7.76 -36.78
CA ARG A 172 -12.54 7.10 -37.85
C ARG A 172 -13.15 5.72 -38.11
N GLY A 173 -13.78 5.11 -37.08
CA GLY A 173 -14.63 3.95 -37.25
C GLY A 173 -13.85 2.63 -37.21
N LYS A 174 -12.72 2.60 -37.93
CA LYS A 174 -11.79 1.48 -37.96
C LYS A 174 -11.02 1.39 -36.64
N GLU A 175 -10.44 0.20 -36.37
CA GLU A 175 -9.54 0.02 -35.25
C GLU A 175 -8.12 0.32 -35.71
N LEU A 176 -7.21 0.56 -34.74
CA LEU A 176 -5.82 0.83 -35.05
C LEU A 176 -5.12 -0.45 -35.48
N GLU A 177 -4.47 -0.42 -36.65
CA GLU A 177 -3.71 -1.54 -37.13
C GLU A 177 -2.30 -1.38 -36.58
N PRO A 178 -1.47 -2.44 -36.54
CA PRO A 178 -0.09 -2.31 -36.10
C PRO A 178 0.61 -1.33 -37.04
N GLY A 179 1.37 -0.38 -36.48
CA GLY A 179 2.10 0.63 -37.24
C GLY A 179 1.37 1.98 -37.34
N GLU A 180 0.09 2.03 -36.97
CA GLU A 180 -0.68 3.25 -37.06
C GLU A 180 -0.62 4.06 -35.77
N VAL A 181 -1.09 5.31 -35.87
CA VAL A 181 -1.02 6.25 -34.80
C VAL A 181 -2.33 7.03 -34.76
N LEU A 182 -2.78 7.35 -33.55
CA LEU A 182 -3.87 8.27 -33.23
C LEU A 182 -3.29 9.44 -32.43
N VAL A 183 -3.56 10.67 -32.88
CA VAL A 183 -3.10 11.85 -32.20
C VAL A 183 -4.20 12.52 -31.38
N THR A 184 -3.92 12.73 -30.10
CA THR A 184 -4.78 13.48 -29.21
C THR A 184 -4.02 14.68 -28.68
N GLU A 185 -4.76 15.57 -28.02
CA GLU A 185 -4.12 16.61 -27.23
C GLU A 185 -3.52 15.95 -25.99
N GLY A 186 -2.65 16.70 -25.34
CA GLY A 186 -2.04 16.25 -24.09
C GLY A 186 -2.85 16.64 -22.86
N HIS A 187 -3.76 17.62 -23.00
CA HIS A 187 -4.64 18.06 -21.93
C HIS A 187 -3.78 18.41 -20.70
N ALA A 188 -3.91 17.69 -19.59
CA ALA A 188 -3.26 18.09 -18.36
C ALA A 188 -1.76 17.74 -18.35
N LEU A 189 -1.26 16.98 -19.36
CA LEU A 189 0.17 16.68 -19.49
C LEU A 189 0.91 17.97 -19.81
N PHE A 190 2.21 18.00 -19.54
CA PHE A 190 3.10 19.07 -20.00
C PHE A 190 3.24 19.04 -21.54
N ALA A 191 3.02 17.89 -22.17
CA ALA A 191 3.13 17.74 -23.63
C ALA A 191 1.92 18.33 -24.35
N SER A 192 2.14 18.95 -25.53
CA SER A 192 1.05 19.48 -26.34
C SER A 192 0.20 18.35 -26.90
N SER A 193 0.81 17.24 -27.31
CA SER A 193 0.13 16.14 -27.99
C SER A 193 0.60 14.80 -27.46
N VAL A 194 -0.23 13.77 -27.67
CA VAL A 194 0.13 12.39 -27.44
C VAL A 194 -0.05 11.61 -28.74
N MET A 195 0.91 10.71 -29.04
CA MET A 195 0.85 9.79 -30.16
C MET A 195 0.56 8.40 -29.61
N HIS A 196 -0.65 7.89 -29.82
CA HIS A 196 -1.02 6.56 -29.39
C HIS A 196 -0.78 5.61 -30.55
N THR A 197 0.06 4.61 -30.36
CA THR A 197 0.39 3.71 -31.44
C THR A 197 0.28 2.26 -31.00
N VAL A 198 0.03 1.37 -31.96
CA VAL A 198 0.02 -0.06 -31.76
C VAL A 198 1.20 -0.68 -32.50
N GLY A 199 2.09 -1.35 -31.76
CA GLY A 199 3.13 -2.18 -32.34
C GLY A 199 2.62 -3.57 -32.73
N PRO A 200 3.45 -4.40 -33.39
CA PRO A 200 3.14 -5.83 -33.56
C PRO A 200 3.16 -6.61 -32.24
N GLN A 201 2.41 -7.74 -32.18
CA GLN A 201 2.48 -8.68 -31.05
C GLN A 201 2.91 -10.07 -31.54
N LEU A 202 3.73 -10.76 -30.73
CA LEU A 202 4.34 -12.03 -31.12
C LEU A 202 3.83 -13.20 -30.26
N LYS A 203 4.48 -14.37 -30.40
CA LYS A 203 4.39 -15.46 -29.43
C LYS A 203 5.79 -15.73 -28.87
N SER A 207 11.21 -14.87 -32.12
CA SER A 207 10.50 -15.35 -33.34
C SER A 207 9.80 -14.18 -34.05
N PRO A 208 10.49 -13.07 -34.40
CA PRO A 208 9.81 -11.96 -35.09
C PRO A 208 9.90 -12.12 -36.61
N THR A 209 8.75 -12.15 -37.32
CA THR A 209 8.75 -12.32 -38.78
C THR A 209 9.12 -10.99 -39.43
N GLU A 210 9.42 -11.02 -40.73
CA GLU A 210 9.79 -9.82 -41.49
C GLU A 210 8.61 -8.83 -41.56
N THR A 211 7.38 -9.32 -41.50
CA THR A 211 6.23 -8.42 -41.52
C THR A 211 6.16 -7.65 -40.20
N GLU A 212 6.49 -8.32 -39.10
CA GLU A 212 6.42 -7.71 -37.78
C GLU A 212 7.58 -6.73 -37.62
N ARG A 213 8.75 -7.04 -38.17
CA ARG A 213 9.85 -6.09 -38.10
C ARG A 213 9.37 -4.81 -38.79
N ARG A 214 8.76 -4.94 -39.98
CA ARG A 214 8.29 -3.81 -40.77
C ARG A 214 7.12 -3.06 -40.11
N GLN A 215 6.28 -3.76 -39.33
CA GLN A 215 5.20 -3.10 -38.59
C GLN A 215 5.77 -2.18 -37.51
N LEU A 216 6.78 -2.64 -36.80
CA LEU A 216 7.38 -1.81 -35.77
C LEU A 216 8.02 -0.56 -36.40
N ALA A 217 8.68 -0.71 -37.54
CA ALA A 217 9.36 0.43 -38.15
C ALA A 217 8.33 1.47 -38.59
N LYS A 218 7.19 0.98 -39.13
CA LYS A 218 6.09 1.81 -39.57
C LYS A 218 5.58 2.70 -38.43
N CYS A 219 5.52 2.16 -37.20
CA CYS A 219 5.16 2.94 -36.03
C CYS A 219 5.95 4.25 -35.91
N TYR A 220 7.27 4.14 -36.01
CA TYR A 220 8.19 5.26 -35.85
C TYR A 220 7.96 6.28 -36.98
N GLU A 221 7.90 5.77 -38.21
CA GLU A 221 7.58 6.57 -39.39
C GLU A 221 6.23 7.26 -39.25
N SER A 222 5.18 6.51 -38.90
CA SER A 222 3.87 7.11 -38.67
C SER A 222 3.96 8.23 -37.63
N ILE A 223 4.76 8.03 -36.57
CA ILE A 223 4.86 9.03 -35.53
C ILE A 223 5.52 10.30 -36.06
N LEU A 224 6.65 10.14 -36.77
CA LEU A 224 7.41 11.29 -37.25
C LEU A 224 6.60 12.04 -38.31
N GLU A 225 5.85 11.34 -39.16
CA GLU A 225 5.09 12.01 -40.24
C GLU A 225 3.95 12.81 -39.62
N ALA A 226 3.28 12.22 -38.64
CA ALA A 226 2.23 12.96 -37.97
C ALA A 226 2.84 14.21 -37.32
N LEU A 227 3.97 14.02 -36.64
CA LEU A 227 4.61 15.07 -35.88
C LEU A 227 5.07 16.22 -36.78
N GLU A 228 5.47 15.94 -38.01
CA GLU A 228 5.82 16.94 -39.00
C GLU A 228 4.70 17.94 -39.24
N LEU A 229 3.48 17.46 -39.19
CA LEU A 229 2.34 18.28 -39.52
C LEU A 229 1.83 19.04 -38.30
N LEU A 230 2.28 18.74 -37.08
CA LEU A 230 1.76 19.48 -35.93
C LEU A 230 2.44 20.85 -35.82
N PRO A 231 1.81 21.87 -35.19
CA PRO A 231 2.50 23.11 -34.90
C PRO A 231 3.73 22.94 -34.03
N SER A 232 4.67 23.87 -34.18
CA SER A 232 5.83 23.97 -33.31
C SER A 232 5.44 24.59 -31.99
N ASP A 233 6.35 24.46 -31.00
CA ASP A 233 6.25 25.24 -29.78
C ASP A 233 6.53 26.70 -30.15
N GLU A 234 6.30 27.63 -29.22
CA GLU A 234 6.40 29.04 -29.56
C GLU A 234 7.86 29.45 -29.88
N ASP A 235 8.88 28.76 -29.34
CA ASP A 235 10.28 29.03 -29.65
C ASP A 235 10.78 28.30 -30.91
N GLY A 236 9.87 27.69 -31.71
CA GLY A 236 10.24 27.10 -32.99
C GLY A 236 10.78 25.66 -32.89
N SER A 237 10.82 25.10 -31.69
CA SER A 237 11.33 23.76 -31.54
C SER A 237 10.15 22.79 -31.65
N LYS A 238 10.50 21.53 -31.88
CA LYS A 238 9.52 20.50 -32.08
C LYS A 238 10.14 19.18 -31.65
N SER A 239 9.53 18.54 -30.67
CA SER A 239 10.20 17.42 -30.02
C SER A 239 9.19 16.32 -29.70
N ILE A 240 9.69 15.08 -29.71
CA ILE A 240 8.89 13.91 -29.44
C ILE A 240 9.70 13.02 -28.50
N ALA A 241 8.99 12.49 -27.48
CA ALA A 241 9.52 11.40 -26.67
C ALA A 241 8.85 10.10 -27.06
N LEU A 242 9.69 9.18 -27.51
CA LEU A 242 9.33 7.83 -27.90
C LEU A 242 9.59 6.87 -26.73
N CYS A 243 8.59 6.10 -26.34
CA CYS A 243 8.76 5.00 -25.40
C CYS A 243 9.17 3.75 -26.18
N CYS A 244 9.57 2.70 -25.47
CA CYS A 244 9.77 1.39 -26.09
C CYS A 244 8.36 0.80 -26.33
N ILE A 245 8.12 0.20 -27.51
CA ILE A 245 6.75 0.02 -27.98
C ILE A 245 6.23 -1.38 -27.62
N ALA A 251 5.56 -9.53 -27.06
CA ALA A 251 6.72 -9.25 -26.16
C ALA A 251 8.05 -9.32 -26.94
N PHE A 252 8.31 -8.26 -27.73
CA PHE A 252 9.32 -8.19 -28.79
C PHE A 252 10.74 -8.12 -28.21
N PRO A 253 11.72 -8.87 -28.76
CA PRO A 253 13.08 -8.86 -28.21
C PRO A 253 13.65 -7.44 -28.14
N ALA A 254 14.05 -7.02 -26.94
CA ALA A 254 14.38 -5.63 -26.67
C ALA A 254 15.56 -5.16 -27.51
N ASP A 255 16.57 -6.02 -27.72
CA ASP A 255 17.76 -5.59 -28.48
C ASP A 255 17.35 -5.29 -29.92
N GLU A 256 16.48 -6.10 -30.51
CA GLU A 256 16.08 -5.95 -31.92
C GLU A 256 15.11 -4.79 -32.08
N ALA A 257 14.16 -4.64 -31.15
CA ALA A 257 13.24 -3.52 -31.15
C ALA A 257 14.02 -2.22 -31.09
N ALA A 258 15.05 -2.20 -30.25
CA ALA A 258 15.81 -0.99 -30.06
C ALA A 258 16.56 -0.60 -31.32
N GLU A 259 17.06 -1.56 -32.11
CA GLU A 259 17.85 -1.16 -33.27
C GLU A 259 16.92 -0.76 -34.43
N ILE A 260 15.78 -1.42 -34.56
CA ILE A 260 14.77 -0.98 -35.51
C ILE A 260 14.38 0.48 -35.22
N ALA A 261 14.25 0.82 -33.93
CA ALA A 261 13.88 2.18 -33.54
C ALA A 261 14.94 3.20 -33.96
N VAL A 262 16.20 2.89 -33.66
CA VAL A 262 17.27 3.85 -33.88
C VAL A 262 17.56 3.95 -35.37
N SER A 263 17.65 2.79 -36.05
CA SER A 263 17.93 2.82 -37.47
C SER A 263 16.75 3.47 -38.23
N THR A 264 15.49 3.12 -37.92
CA THR A 264 14.34 3.71 -38.59
C THR A 264 14.28 5.23 -38.39
N VAL A 265 14.44 5.72 -37.14
CA VAL A 265 14.35 7.14 -36.88
C VAL A 265 15.51 7.87 -37.57
N THR A 266 16.68 7.24 -37.53
CA THR A 266 17.89 7.80 -38.11
C THR A 266 17.75 8.02 -39.60
N SER A 267 17.41 6.96 -40.36
CA SER A 267 17.25 7.09 -41.82
C SER A 267 16.17 8.10 -42.18
N TRP A 268 15.06 8.10 -41.39
CA TRP A 268 13.94 8.95 -41.76
C TRP A 268 14.38 10.40 -41.65
N LEU A 269 15.20 10.71 -40.64
CA LEU A 269 15.64 12.08 -40.43
C LEU A 269 16.70 12.44 -41.48
N GLN A 270 17.55 11.47 -41.86
CA GLN A 270 18.58 11.65 -42.88
C GLN A 270 17.90 12.07 -44.18
N LYS A 271 16.79 11.39 -44.50
CA LYS A 271 16.12 11.53 -45.79
C LYS A 271 15.12 12.70 -45.79
N HIS A 272 14.94 13.40 -44.67
CA HIS A 272 14.01 14.53 -44.65
C HIS A 272 14.77 15.79 -44.27
N PRO A 273 15.69 16.30 -45.10
CA PRO A 273 16.53 17.43 -44.70
C PRO A 273 15.76 18.70 -44.37
N SER A 274 14.52 18.84 -44.84
CA SER A 274 13.70 20.01 -44.59
C SER A 274 12.77 19.90 -43.36
N THR A 275 12.88 18.80 -42.58
CA THR A 275 12.05 18.51 -41.42
C THR A 275 12.10 19.66 -40.41
N THR A 276 10.95 19.91 -39.79
CA THR A 276 10.79 20.91 -38.78
C THR A 276 11.03 20.27 -37.41
N ILE A 277 11.45 18.99 -37.38
CA ILE A 277 11.62 18.28 -36.12
C ILE A 277 13.03 18.57 -35.60
N THR A 278 13.13 19.03 -34.34
CA THR A 278 14.40 19.45 -33.74
C THR A 278 14.95 18.46 -32.69
N ASP A 279 14.09 17.69 -31.99
CA ASP A 279 14.58 16.75 -30.99
C ASP A 279 13.73 15.47 -30.93
N VAL A 280 14.41 14.33 -30.97
CA VAL A 280 13.80 13.02 -30.71
C VAL A 280 14.47 12.46 -29.45
N ILE A 281 13.66 12.07 -28.45
CA ILE A 281 14.09 11.47 -27.19
C ILE A 281 13.67 10.00 -27.20
N PHE A 282 14.65 9.09 -27.16
CA PHE A 282 14.32 7.72 -26.81
C PHE A 282 14.24 7.64 -25.30
N ASN A 283 13.05 7.32 -24.81
CA ASN A 283 12.73 7.29 -23.41
C ASN A 283 12.67 5.85 -22.95
N THR A 284 13.64 5.42 -22.15
CA THR A 284 13.62 4.07 -21.58
C THR A 284 13.16 4.15 -20.11
N PHE A 285 12.76 3.00 -19.54
CA PHE A 285 12.42 2.92 -18.13
C PHE A 285 13.41 2.01 -17.42
N THR A 286 13.73 0.85 -18.00
CA THR A 286 14.59 -0.13 -17.36
C THR A 286 16.04 0.08 -17.78
N GLN A 287 16.97 -0.43 -16.94
CA GLN A 287 18.38 -0.20 -17.15
C GLN A 287 18.88 -1.00 -18.36
N SER A 288 18.24 -2.15 -18.64
CA SER A 288 18.65 -2.99 -19.76
C SER A 288 18.33 -2.31 -21.10
N ASP A 289 17.14 -1.69 -21.23
CA ASP A 289 16.80 -0.94 -22.42
C ASP A 289 17.78 0.22 -22.61
N THR A 290 18.13 0.91 -21.53
CA THR A 290 18.97 2.10 -21.61
C THR A 290 20.33 1.69 -22.13
N GLU A 291 20.75 0.45 -21.83
CA GLU A 291 22.01 -0.12 -22.27
C GLU A 291 21.96 -0.48 -23.74
N PHE A 292 20.91 -1.22 -24.15
CA PHE A 292 20.69 -1.52 -25.57
C PHE A 292 20.78 -0.24 -26.40
N TYR A 293 20.08 0.83 -25.94
CA TYR A 293 19.99 2.08 -26.67
C TYR A 293 21.34 2.80 -26.64
N SER A 294 21.99 2.86 -25.48
CA SER A 294 23.30 3.50 -25.34
C SER A 294 24.36 2.87 -26.26
N LYS A 295 24.31 1.54 -26.45
CA LYS A 295 25.22 0.86 -27.36
C LYS A 295 25.05 1.38 -28.80
N LEU A 296 23.80 1.41 -29.27
CA LEU A 296 23.49 1.81 -30.63
C LEU A 296 23.83 3.29 -30.87
N LEU A 297 23.61 4.13 -29.85
CA LEU A 297 23.61 5.56 -30.09
C LEU A 297 24.99 6.16 -29.82
N GLY A 298 25.60 5.74 -28.70
CA GLY A 298 26.95 6.13 -28.34
C GLY A 298 27.00 6.88 -27.01
N PRO A 299 28.12 7.59 -26.71
CA PRO A 299 28.23 8.40 -25.50
C PRO A 299 27.38 9.65 -25.62
N SER A 300 26.96 10.18 -24.47
CA SER A 300 26.37 11.50 -24.37
C SER A 300 27.41 12.59 -24.67
N HIS A 301 27.00 13.62 -25.44
CA HIS A 301 27.83 14.78 -25.78
C HIS A 301 28.13 15.58 -24.51
N THR A 302 29.03 16.54 -24.65
CA THR A 302 29.45 17.43 -23.57
C THR A 302 28.45 18.58 -23.42
N LYS A 303 27.93 18.77 -22.20
CA LYS A 303 27.00 19.86 -21.89
C LYS A 303 27.58 21.20 -22.38
N SER A 304 26.77 21.99 -23.08
CA SER A 304 27.24 23.23 -23.69
C SER A 304 27.16 24.41 -22.70
N ASN A 310 21.46 27.26 -14.92
CA ASN A 310 20.85 26.12 -14.17
C ASN A 310 19.44 25.90 -14.73
N THR A 311 18.58 26.91 -14.56
CA THR A 311 17.17 26.91 -14.95
C THR A 311 16.49 25.62 -14.47
N PRO A 312 16.42 25.34 -13.13
CA PRO A 312 15.70 24.18 -12.62
C PRO A 312 14.20 24.44 -12.72
N GLN A 313 13.39 23.45 -12.33
CA GLN A 313 11.96 23.53 -12.56
C GLN A 313 11.14 22.69 -11.55
N GLY A 314 9.90 23.16 -11.36
CA GLY A 314 8.93 22.52 -10.48
C GLY A 314 9.05 23.04 -9.06
N SER A 315 8.58 22.22 -8.12
CA SER A 315 8.74 22.55 -6.70
C SER A 315 10.23 22.65 -6.35
N LEU A 316 11.07 21.91 -7.08
CA LEU A 316 12.50 22.03 -6.83
C LEU A 316 13.03 23.47 -6.90
N SER A 317 12.59 24.32 -7.85
CA SER A 317 13.13 25.67 -7.95
C SER A 317 12.72 26.48 -6.74
N LEU A 318 11.49 26.28 -6.30
CA LEU A 318 10.97 26.99 -5.15
C LEU A 318 11.76 26.55 -3.93
N ALA A 319 11.97 25.22 -3.79
CA ALA A 319 12.70 24.72 -2.62
C ALA A 319 14.08 25.34 -2.56
N ARG A 320 14.70 25.51 -3.74
CA ARG A 320 16.05 26.04 -3.85
C ARG A 320 16.10 27.49 -3.40
N GLU A 321 15.16 28.31 -3.86
CA GLU A 321 14.97 29.65 -3.33
C GLU A 321 14.92 29.62 -1.80
N TRP A 322 14.06 28.78 -1.21
CA TRP A 322 13.89 28.77 0.23
C TRP A 322 15.22 28.42 0.92
N LEU A 323 15.88 27.40 0.40
CA LEU A 323 17.15 26.98 0.98
C LEU A 323 18.19 28.09 0.90
N SER A 324 18.16 28.92 -0.14
CA SER A 324 19.20 29.93 -0.30
C SER A 324 18.89 31.16 0.55
N SER A 325 17.63 31.39 0.91
CA SER A 325 17.31 32.52 1.79
C SER A 325 17.37 32.17 3.27
N ALA A 326 17.47 30.89 3.64
CA ALA A 326 17.40 30.45 5.04
C ALA A 326 18.57 30.99 5.87
N ASP A 327 18.28 31.33 7.12
CA ASP A 327 19.34 31.58 8.09
C ASP A 327 19.56 30.37 9.01
N ALA A 328 18.68 29.37 8.99
CA ALA A 328 18.87 28.20 9.81
C ALA A 328 18.20 27.02 9.12
N VAL A 329 18.65 25.79 9.41
CA VAL A 329 18.14 24.62 8.74
C VAL A 329 18.07 23.48 9.74
N LEU A 330 16.92 22.81 9.80
CA LEU A 330 16.75 21.56 10.51
C LEU A 330 16.53 20.45 9.49
N VAL A 331 17.34 19.40 9.59
CA VAL A 331 17.10 18.23 8.82
C VAL A 331 16.40 17.21 9.74
N THR A 332 15.22 16.78 9.33
CA THR A 332 14.55 15.65 9.95
C THR A 332 14.59 14.51 8.96
N ALA A 333 15.03 13.33 9.38
CA ALA A 333 15.23 12.26 8.44
C ALA A 333 14.68 10.98 9.02
N GLY A 334 14.20 10.15 8.11
CA GLY A 334 13.73 8.80 8.42
C GLY A 334 14.54 7.80 7.63
N ALA A 335 14.03 6.59 7.57
CA ALA A 335 14.69 5.47 6.94
C ALA A 335 14.84 5.72 5.44
N GLY A 336 13.97 6.54 4.82
CA GLY A 336 14.09 6.75 3.40
C GLY A 336 15.45 7.35 3.00
N LEU A 337 16.14 8.09 3.90
CA LEU A 337 17.39 8.74 3.51
C LEU A 337 18.48 7.67 3.29
N SER A 338 18.61 6.75 4.21
CA SER A 338 19.57 5.67 4.08
C SER A 338 19.14 4.65 3.02
N ALA A 339 17.82 4.49 2.82
CA ALA A 339 17.35 3.61 1.74
C ALA A 339 17.81 4.15 0.38
N ALA A 340 17.90 5.47 0.25
CA ALA A 340 18.39 6.07 -0.98
C ALA A 340 19.87 5.76 -1.26
N GLU A 341 20.62 5.37 -0.25
CA GLU A 341 22.03 5.11 -0.39
C GLU A 341 22.22 3.62 -0.67
N GLY A 342 21.15 2.84 -0.69
CA GLY A 342 21.23 1.43 -1.01
C GLY A 342 20.98 0.52 0.20
N LEU A 343 20.75 1.10 1.36
CA LEU A 343 20.49 0.32 2.57
C LEU A 343 18.98 0.18 2.73
N ASP A 344 18.37 -0.92 2.29
CA ASP A 344 16.94 -1.12 2.54
C ASP A 344 16.66 -2.60 2.82
N LEU A 363 6.07 -4.45 2.99
CA LEU A 363 6.44 -3.34 3.91
C LEU A 363 7.10 -4.00 5.13
N THR A 364 8.11 -3.37 5.73
CA THR A 364 8.85 -4.05 6.80
C THR A 364 9.36 -2.98 7.80
N SER A 365 9.52 -3.34 9.09
CA SER A 365 10.15 -2.48 10.09
C SER A 365 11.50 -3.07 10.54
N LEU A 366 12.44 -3.23 9.58
CA LEU A 366 13.69 -4.00 9.74
C LEU A 366 13.42 -5.27 10.53
N TYR A 367 12.58 -6.10 9.89
CA TYR A 367 11.95 -7.26 10.48
C TYR A 367 13.09 -8.18 10.90
N SER A 368 14.20 -8.18 10.12
CA SER A 368 15.27 -9.16 10.34
C SER A 368 15.79 -9.05 11.75
N VAL A 369 15.99 -7.81 12.19
CA VAL A 369 16.58 -7.58 13.49
C VAL A 369 15.52 -7.73 14.56
N PHE A 370 14.40 -7.02 14.42
CA PHE A 370 13.47 -6.91 15.56
C PHE A 370 12.25 -7.83 15.50
N GLY A 371 11.85 -8.29 14.32
CA GLY A 371 10.65 -9.10 14.15
C GLY A 371 10.94 -10.59 14.11
N PHE A 372 11.81 -11.02 13.18
CA PHE A 372 12.17 -12.41 13.01
C PHE A 372 12.50 -13.02 14.36
N ASN A 373 11.94 -14.19 14.63
CA ASN A 373 12.16 -14.77 15.94
C ASN A 373 12.25 -16.30 15.85
N ASP A 374 13.07 -16.82 14.90
CA ASP A 374 13.26 -18.24 14.76
C ASP A 374 14.77 -18.54 14.61
N TRP A 375 15.53 -18.05 15.59
CA TRP A 375 16.97 -18.22 15.63
C TRP A 375 17.29 -19.63 16.11
N PRO A 376 18.15 -20.39 15.39
CA PRO A 376 18.57 -21.69 15.93
C PRO A 376 19.27 -21.61 17.28
N SER A 377 19.84 -20.44 17.63
CA SER A 377 20.51 -20.26 18.92
C SER A 377 20.90 -18.80 19.13
N GLU A 378 21.34 -18.44 20.34
CA GLU A 378 21.83 -17.10 20.63
C GLU A 378 23.07 -16.77 19.78
N GLU A 379 23.87 -17.81 19.46
CA GLU A 379 25.09 -17.66 18.67
C GLU A 379 24.72 -17.25 17.26
N HIS A 380 23.61 -17.78 16.76
CA HIS A 380 23.15 -17.37 15.44
C HIS A 380 22.56 -15.97 15.48
N ARG A 381 21.84 -15.67 16.57
CA ARG A 381 21.19 -14.38 16.67
C ARG A 381 22.28 -13.31 16.67
N TRP A 382 23.27 -13.43 17.57
CA TRP A 382 24.29 -12.40 17.65
C TRP A 382 25.24 -12.41 16.44
N GLY A 383 25.43 -13.57 15.85
CA GLY A 383 26.21 -13.62 14.63
C GLY A 383 25.57 -12.74 13.56
N TYR A 384 24.26 -12.84 13.48
CA TYR A 384 23.57 -12.02 12.53
C TYR A 384 23.55 -10.54 12.97
N PHE A 385 23.24 -10.25 14.25
CA PHE A 385 23.17 -8.87 14.70
C PHE A 385 24.52 -8.17 14.53
N PHE A 386 25.61 -8.84 14.90
CA PHE A 386 26.94 -8.25 14.80
C PHE A 386 27.32 -8.01 13.31
N THR A 387 26.99 -8.94 12.45
CA THR A 387 27.23 -8.76 11.02
C THR A 387 26.41 -7.60 10.47
N HIS A 388 25.19 -7.45 10.95
CA HIS A 388 24.37 -6.33 10.49
C HIS A 388 24.90 -4.99 10.98
N LEU A 389 25.18 -4.87 12.27
CA LEU A 389 25.67 -3.60 12.80
C LEU A 389 26.98 -3.24 12.08
N ASN A 390 27.81 -4.24 11.80
CA ASN A 390 29.09 -3.99 11.14
C ASN A 390 28.91 -3.46 9.72
N MET A 391 27.97 -4.08 9.01
CA MET A 391 27.80 -3.73 7.62
C MET A 391 27.29 -2.29 7.55
N VAL A 392 26.35 -1.93 8.43
CA VAL A 392 25.78 -0.60 8.39
C VAL A 392 26.85 0.42 8.76
N ALA A 393 27.59 0.09 9.81
CA ALA A 393 28.62 0.98 10.31
C ALA A 393 29.69 1.23 9.26
N ASN A 394 29.92 0.28 8.34
CA ASN A 394 30.94 0.43 7.30
C ASN A 394 30.32 0.71 5.93
N TRP A 395 29.13 1.26 5.84
CA TRP A 395 28.52 1.48 4.53
C TRP A 395 29.32 2.48 3.70
N SER A 396 29.78 2.06 2.52
CA SER A 396 30.76 2.86 1.82
C SER A 396 30.09 3.82 0.86
N ASN A 397 28.90 3.49 0.34
CA ASN A 397 28.17 4.33 -0.60
C ASN A 397 27.26 5.31 0.17
N THR A 398 27.71 6.53 0.41
CA THR A 398 26.88 7.52 1.08
C THR A 398 26.99 8.87 0.40
N PRO A 399 26.79 8.96 -0.93
CA PRO A 399 26.99 10.21 -1.64
C PRO A 399 25.99 11.31 -1.22
N THR A 400 24.78 10.93 -0.84
CA THR A 400 23.78 11.91 -0.41
C THR A 400 24.20 12.58 0.90
N TYR A 401 24.68 11.77 1.87
CA TYR A 401 25.21 12.34 3.11
C TYR A 401 26.41 13.22 2.81
N GLN A 402 27.25 12.81 1.84
CA GLN A 402 28.51 13.49 1.56
C GLN A 402 28.24 14.82 0.85
N THR A 403 27.05 14.99 0.24
CA THR A 403 26.67 16.27 -0.30
C THR A 403 25.95 17.12 0.77
N LEU A 404 25.06 16.51 1.56
CA LEU A 404 24.28 17.26 2.51
C LEU A 404 25.14 17.83 3.65
N ILE A 405 26.07 17.04 4.21
CA ILE A 405 26.78 17.42 5.43
C ILE A 405 27.60 18.69 5.21
N PRO A 406 28.46 18.79 4.15
CA PRO A 406 29.29 19.98 3.94
C PRO A 406 28.41 21.21 3.68
N TRP A 407 27.26 21.01 3.04
CA TRP A 407 26.31 22.10 2.88
C TRP A 407 25.75 22.55 4.22
N LEU A 408 25.34 21.63 5.10
CA LEU A 408 24.86 22.02 6.43
C LEU A 408 25.95 22.79 7.20
N ARG A 409 27.23 22.46 6.99
CA ARG A 409 28.32 23.09 7.76
C ARG A 409 28.43 24.59 7.54
N ASN A 410 27.98 25.12 6.40
CA ASN A 410 27.97 26.56 6.18
C ASN A 410 27.10 27.35 7.17
N PHE A 411 26.31 26.64 7.99
CA PHE A 411 25.32 27.23 8.89
C PHE A 411 25.89 27.27 10.31
N GLY A 412 27.04 26.64 10.52
CA GLY A 412 27.61 26.59 11.85
C GLY A 412 26.62 26.02 12.85
N GLN A 413 26.34 26.79 13.90
CA GLN A 413 25.52 26.31 14.99
C GLN A 413 24.05 26.40 14.60
N ASP A 414 23.73 27.01 13.45
CA ASP A 414 22.35 27.18 13.03
C ASP A 414 21.90 26.05 12.09
N ALA A 415 22.48 24.86 12.20
CA ALA A 415 21.98 23.65 11.55
C ALA A 415 21.82 22.56 12.60
N PHE A 416 20.84 21.69 12.44
CA PHE A 416 20.58 20.63 13.39
C PHE A 416 19.98 19.44 12.65
N VAL A 417 20.29 18.21 13.09
CA VAL A 417 19.79 16.98 12.50
C VAL A 417 19.02 16.21 13.57
N ARG A 418 17.79 15.86 13.22
CA ARG A 418 16.96 15.03 14.07
C ARG A 418 16.50 13.85 13.23
N THR A 419 16.86 12.60 13.59
CA THR A 419 16.57 11.45 12.79
C THR A 419 15.86 10.39 13.59
N SER A 420 14.86 9.74 12.98
CA SER A 420 14.11 8.66 13.61
C SER A 420 14.64 7.30 13.19
N ALA A 421 15.60 7.28 12.30
CA ALA A 421 16.11 5.99 11.90
C ALA A 421 17.61 6.10 11.95
N ALA A 422 18.12 6.02 13.18
CA ALA A 422 19.53 6.24 13.44
C ALA A 422 20.33 4.95 13.20
N ASP A 423 20.69 4.75 11.92
CA ASP A 423 21.65 3.74 11.55
C ASP A 423 23.08 4.24 11.78
N GLY A 424 23.27 5.51 12.15
CA GLY A 424 24.56 6.06 12.53
C GLY A 424 25.28 6.77 11.37
N LEU A 425 24.61 6.92 10.21
CA LEU A 425 25.32 7.39 9.05
C LEU A 425 25.57 8.89 9.13
N PHE A 426 24.78 9.64 9.90
CA PHE A 426 25.15 11.05 10.10
C PHE A 426 26.52 11.21 10.74
N LEU A 427 26.74 10.48 11.84
CA LEU A 427 27.98 10.61 12.59
C LEU A 427 29.15 10.08 11.75
N ALA A 428 28.94 9.00 11.00
CA ALA A 428 29.97 8.35 10.24
C ALA A 428 30.32 9.11 8.97
N ASN A 429 29.50 10.10 8.58
CA ASN A 429 29.91 10.99 7.51
C ASN A 429 30.24 12.36 8.06
N GLY A 430 30.39 12.47 9.38
CA GLY A 430 31.13 13.59 9.94
C GLY A 430 30.27 14.67 10.58
N TRP A 431 28.97 14.44 10.76
CA TRP A 431 28.13 15.39 11.43
C TRP A 431 28.40 15.32 12.92
N PRO A 432 28.52 16.44 13.64
CA PRO A 432 28.81 16.34 15.07
C PRO A 432 27.60 15.95 15.92
N LYS A 433 27.90 15.24 16.99
CA LYS A 433 26.89 14.65 17.84
C LYS A 433 26.24 15.75 18.64
N GLU A 434 26.93 16.87 18.85
CA GLU A 434 26.36 18.01 19.54
C GLU A 434 25.24 18.71 18.77
N GLN A 435 25.10 18.45 17.46
CA GLN A 435 24.02 19.02 16.65
C GLN A 435 23.13 17.93 16.10
N LEU A 436 23.00 16.85 16.87
CA LEU A 436 22.27 15.68 16.44
C LEU A 436 21.30 15.21 17.51
N SER A 437 20.15 14.68 17.07
CA SER A 437 19.19 14.03 17.94
C SER A 437 18.74 12.73 17.33
N THR A 438 18.45 11.74 18.19
CA THR A 438 17.97 10.42 17.77
C THR A 438 16.88 9.90 18.70
N PRO A 439 15.65 10.40 18.67
CA PRO A 439 14.64 10.02 19.67
C PRO A 439 14.07 8.61 19.63
N GLN A 440 14.30 7.87 18.54
CA GLN A 440 13.82 6.48 18.51
C GLN A 440 15.00 5.56 18.71
N GLY A 441 16.13 6.13 19.13
CA GLY A 441 17.27 5.32 19.49
C GLY A 441 18.16 5.10 18.29
N SER A 442 19.20 4.27 18.44
CA SER A 442 20.18 4.10 17.38
C SER A 442 20.88 2.77 17.54
N TYR A 443 21.67 2.43 16.51
CA TYR A 443 22.49 1.23 16.49
C TYR A 443 23.75 1.42 17.35
N GLY A 444 24.04 2.65 17.78
CA GLY A 444 25.16 2.90 18.67
C GLY A 444 25.11 2.23 20.06
N TYR A 445 23.94 1.77 20.55
CA TYR A 445 23.86 1.14 21.86
C TYR A 445 23.08 -0.17 21.85
N LEU A 446 23.45 -1.07 22.79
CA LEU A 446 22.65 -2.21 23.19
C LEU A 446 22.03 -1.98 24.57
N GLN A 447 20.96 -2.70 24.88
CA GLN A 447 20.33 -2.62 26.19
C GLN A 447 19.81 -3.98 26.64
N CYS A 448 19.49 -4.01 27.94
CA CYS A 448 18.84 -5.13 28.58
C CYS A 448 17.41 -5.25 28.11
N LEU A 449 16.98 -6.47 27.75
CA LEU A 449 15.71 -6.69 27.07
C LEU A 449 14.54 -6.76 28.07
N ASN A 450 14.86 -6.91 29.36
CA ASN A 450 13.91 -6.76 30.46
C ASN A 450 13.93 -5.33 31.02
N ASN A 451 14.82 -4.48 30.52
CA ASN A 451 14.92 -3.08 30.90
C ASN A 451 14.92 -2.95 32.42
N CYS A 452 15.85 -3.62 33.07
CA CYS A 452 15.79 -3.77 34.53
C CYS A 452 16.17 -2.48 35.27
N ARG A 453 17.07 -1.67 34.67
N ARG A 453 17.05 -1.67 34.66
CA ARG A 453 17.41 -0.35 35.19
CA ARG A 453 17.45 -0.37 35.18
C ARG A 453 17.84 0.56 34.03
C ARG A 453 17.85 0.56 34.03
N VAL A 454 17.87 1.87 34.34
CA VAL A 454 18.14 2.92 33.36
C VAL A 454 19.59 2.89 32.84
N ASP A 455 20.50 2.34 33.62
CA ASP A 455 21.92 2.25 33.28
C ASP A 455 22.28 0.99 32.49
N ALA A 456 21.36 0.03 32.36
CA ALA A 456 21.56 -1.22 31.62
C ALA A 456 21.63 -1.03 30.08
N VAL A 457 22.59 -0.20 29.60
CA VAL A 457 22.90 -0.02 28.19
C VAL A 457 24.40 -0.07 28.01
N VAL A 458 24.92 -0.15 26.77
CA VAL A 458 26.36 -0.17 26.51
C VAL A 458 26.63 0.19 25.06
N PRO A 459 27.75 0.88 24.70
CA PRO A 459 28.06 1.10 23.29
C PRO A 459 28.19 -0.23 22.54
N SER A 460 27.69 -0.25 21.29
CA SER A 460 27.72 -1.46 20.50
C SER A 460 29.06 -1.55 19.78
N ALA A 461 29.66 -0.43 19.37
CA ALA A 461 30.76 -0.52 18.42
C ALA A 461 31.89 -1.42 18.93
N PRO A 462 32.39 -1.27 20.18
CA PRO A 462 33.51 -2.12 20.62
C PRO A 462 33.17 -3.60 20.65
N LEU A 463 31.90 -3.94 20.90
CA LEU A 463 31.47 -5.34 20.95
C LEU A 463 31.40 -5.92 19.54
N VAL A 464 30.83 -5.17 18.59
CA VAL A 464 30.85 -5.51 17.17
C VAL A 464 32.28 -5.82 16.73
N ALA A 465 33.19 -4.88 16.96
CA ALA A 465 34.59 -5.03 16.54
C ALA A 465 35.22 -6.26 17.15
N ASP A 466 34.98 -6.47 18.43
CA ASP A 466 35.60 -7.59 19.13
C ASP A 466 34.97 -8.91 18.67
N ALA A 467 33.71 -8.91 18.19
CA ALA A 467 33.05 -10.14 17.81
C ALA A 467 33.37 -10.57 16.37
N MET A 468 33.55 -9.62 15.44
CA MET A 468 33.56 -9.93 14.01
C MET A 468 34.57 -11.00 13.61
N PRO A 469 35.80 -11.03 14.15
CA PRO A 469 36.72 -12.09 13.77
C PRO A 469 36.24 -13.50 14.12
N HIS A 470 35.22 -13.57 15.00
CA HIS A 470 34.79 -14.85 15.53
C HIS A 470 33.48 -15.31 14.91
N ILE A 471 33.07 -14.70 13.81
CA ILE A 471 31.80 -15.05 13.20
C ILE A 471 32.08 -15.76 11.88
N ASP A 472 31.63 -17.01 11.79
CA ASP A 472 31.63 -17.79 10.55
C ASP A 472 30.77 -17.12 9.50
N LYS A 473 31.38 -16.60 8.44
CA LYS A 473 30.65 -15.72 7.52
C LYS A 473 29.59 -16.48 6.70
N ALA A 474 29.70 -17.79 6.53
CA ALA A 474 28.78 -18.52 5.67
C ALA A 474 27.45 -18.71 6.42
N THR A 475 27.53 -19.07 7.71
CA THR A 475 26.35 -19.30 8.54
C THR A 475 25.94 -18.11 9.41
N GLN A 476 26.76 -17.06 9.46
CA GLN A 476 26.61 -15.94 10.38
C GLN A 476 26.39 -16.41 11.80
N LYS A 477 27.17 -17.42 12.19
CA LYS A 477 27.18 -17.92 13.55
C LYS A 477 28.41 -17.40 14.29
N LEU A 478 28.15 -16.96 15.51
CA LEU A 478 29.16 -16.46 16.39
C LEU A 478 29.77 -17.67 17.05
N MET A 479 31.10 -17.85 16.85
CA MET A 479 31.77 -19.11 17.14
C MET A 479 32.42 -19.04 18.52
N ASP A 480 32.35 -17.87 19.19
CA ASP A 480 32.81 -17.71 20.57
C ASP A 480 31.65 -17.24 21.45
N PRO A 481 31.02 -18.15 22.25
CA PRO A 481 29.88 -17.79 23.08
C PRO A 481 30.15 -16.73 24.15
N SER A 482 31.42 -16.49 24.48
CA SER A 482 31.73 -15.48 25.49
C SER A 482 31.40 -14.09 24.97
N LYS A 483 31.18 -13.94 23.65
CA LYS A 483 30.87 -12.64 23.08
C LYS A 483 29.38 -12.33 23.02
N ILE A 484 28.51 -13.27 23.38
CA ILE A 484 27.11 -12.96 23.50
C ILE A 484 26.98 -11.89 24.57
N PRO A 485 26.37 -10.72 24.28
CA PRO A 485 26.17 -9.71 25.31
C PRO A 485 25.02 -10.12 26.22
N LEU A 486 25.25 -10.02 27.54
CA LEU A 486 24.22 -10.25 28.55
C LEU A 486 24.19 -9.03 29.48
N CYS A 487 22.99 -8.70 30.03
CA CYS A 487 22.88 -7.60 30.98
C CYS A 487 23.83 -7.88 32.16
N ARG A 488 24.84 -7.00 32.27
CA ARG A 488 25.88 -7.07 33.28
C ARG A 488 25.31 -6.97 34.72
N PHE A 489 23.99 -6.82 34.90
CA PHE A 489 23.34 -6.63 36.19
C PHE A 489 22.33 -7.75 36.43
N CYS A 490 21.38 -7.99 35.50
CA CYS A 490 20.43 -9.09 35.70
C CYS A 490 20.81 -10.33 34.89
N GLY A 491 21.82 -10.23 34.01
CA GLY A 491 22.22 -11.29 33.10
C GLY A 491 21.18 -11.67 32.02
N SER A 492 20.18 -10.84 31.77
CA SER A 492 19.22 -11.23 30.75
C SER A 492 19.80 -10.92 29.36
N LYS A 493 19.11 -11.49 28.38
CA LYS A 493 19.37 -11.20 26.99
C LYS A 493 19.38 -9.69 26.71
N MET A 494 20.07 -9.32 25.63
CA MET A 494 20.12 -7.92 25.23
C MET A 494 19.62 -7.74 23.80
N SER A 495 19.42 -6.48 23.45
CA SER A 495 18.93 -6.10 22.14
C SER A 495 19.56 -4.76 21.77
N ILE A 496 19.38 -4.37 20.51
CA ILE A 496 19.79 -3.07 20.06
C ILE A 496 18.81 -2.07 20.66
N CYS A 497 19.36 -0.94 21.12
CA CYS A 497 18.58 0.01 21.87
C CYS A 497 17.87 0.97 20.90
N VAL A 498 16.84 0.44 20.24
CA VAL A 498 15.98 1.16 19.32
C VAL A 498 14.54 0.94 19.76
N ARG A 499 13.66 1.92 19.49
N ARG A 499 13.62 1.88 19.44
CA ARG A 499 12.28 1.73 19.84
CA ARG A 499 12.24 1.79 19.90
C ARG A 499 11.74 0.64 18.92
C ARG A 499 11.41 0.77 19.13
N ALA A 500 11.49 -0.51 19.53
CA ALA A 500 10.88 -1.62 18.81
C ALA A 500 10.06 -2.45 19.78
N GLY A 501 9.65 -1.84 20.90
CA GLY A 501 8.86 -2.57 21.87
C GLY A 501 8.77 -1.84 23.19
N SER A 502 7.87 -2.30 24.09
CA SER A 502 7.64 -1.60 25.34
C SER A 502 8.90 -1.58 26.22
N TRP A 503 9.90 -2.42 25.94
CA TRP A 503 11.12 -2.48 26.76
C TRP A 503 12.08 -1.33 26.44
N PHE A 504 11.84 -0.53 25.37
CA PHE A 504 12.81 0.45 24.96
C PHE A 504 13.20 1.37 26.12
N ASN A 505 14.50 1.57 26.28
CA ASN A 505 15.05 2.52 27.20
C ASN A 505 15.58 3.74 26.47
N GLN A 506 15.00 4.90 26.71
CA GLN A 506 15.33 6.07 25.91
C GLN A 506 16.42 6.90 26.60
N ALA A 507 16.94 6.42 27.74
CA ALA A 507 17.83 7.24 28.56
C ALA A 507 19.12 7.66 27.84
N PRO A 508 19.76 6.80 27.04
CA PRO A 508 20.97 7.23 26.35
C PRO A 508 20.76 8.29 25.27
N TYR A 509 19.49 8.65 24.93
CA TYR A 509 19.26 9.65 23.91
C TYR A 509 18.77 10.96 24.54
N GLN A 510 18.73 11.03 25.88
CA GLN A 510 18.13 12.18 26.56
C GLN A 510 19.00 13.43 26.35
N GLU A 511 20.31 13.27 26.25
CA GLU A 511 21.14 14.42 26.00
C GLU A 511 20.82 14.98 24.62
N GLY A 512 20.61 14.06 23.64
CA GLY A 512 20.22 14.50 22.33
C GLY A 512 18.92 15.28 22.34
N GLU A 513 17.89 14.78 23.05
CA GLU A 513 16.62 15.48 23.22
C GLU A 513 16.86 16.88 23.81
N ALA A 514 17.74 16.98 24.83
CA ALA A 514 18.00 18.30 25.43
C ALA A 514 18.63 19.26 24.42
N GLN A 515 19.57 18.77 23.59
CA GLN A 515 20.19 19.60 22.54
C GLN A 515 19.12 20.09 21.54
N TRP A 516 18.14 19.25 21.22
CA TRP A 516 17.08 19.62 20.30
C TRP A 516 16.17 20.70 20.89
N LYS A 517 15.77 20.55 22.15
CA LYS A 517 14.98 21.59 22.79
C LYS A 517 15.73 22.91 22.86
N ALA A 518 17.03 22.88 23.21
CA ALA A 518 17.76 24.14 23.33
C ALA A 518 17.91 24.80 21.97
N TRP A 519 18.04 24.00 20.91
CA TRP A 519 18.32 24.54 19.60
C TRP A 519 17.06 25.21 19.03
N LYS A 520 15.96 24.47 19.05
CA LYS A 520 14.66 24.95 18.61
C LYS A 520 14.33 26.26 19.34
N SER A 521 14.42 26.20 20.67
CA SER A 521 14.14 27.36 21.48
C SER A 521 14.92 28.57 20.99
N ARG A 522 16.25 28.45 20.84
CA ARG A 522 17.07 29.57 20.42
C ARG A 522 16.72 30.00 18.98
N VAL A 523 16.54 29.06 18.06
CA VAL A 523 16.31 29.46 16.67
C VAL A 523 14.96 30.17 16.51
N LEU A 524 13.93 29.71 17.24
CA LEU A 524 12.60 30.28 17.07
C LEU A 524 12.53 31.69 17.67
N ARG A 525 13.24 31.92 18.76
CA ARG A 525 13.15 33.16 19.52
C ARG A 525 14.01 34.24 18.86
N GLU A 526 15.06 33.83 18.13
CA GLU A 526 15.91 34.75 17.40
C GLU A 526 15.27 35.03 16.03
N LYS A 527 13.97 34.70 15.90
CA LYS A 527 13.09 35.12 14.81
C LYS A 527 13.67 34.73 13.44
N LYS A 528 14.45 33.65 13.36
CA LYS A 528 15.23 33.37 12.18
C LYS A 528 14.33 32.73 11.12
N ASN A 529 14.72 32.85 9.83
CA ASN A 529 14.12 32.10 8.73
C ASN A 529 14.61 30.66 8.67
N LEU A 530 13.85 29.80 9.33
CA LEU A 530 14.18 28.41 9.48
C LEU A 530 13.56 27.64 8.32
N VAL A 531 14.36 26.78 7.69
CA VAL A 531 13.85 25.79 6.76
C VAL A 531 14.04 24.39 7.34
N ILE A 532 12.95 23.60 7.30
CA ILE A 532 12.93 22.20 7.62
C ILE A 532 12.98 21.42 6.31
N LEU A 533 14.07 20.67 6.18
CA LEU A 533 14.26 19.73 5.11
C LEU A 533 13.94 18.35 5.67
N GLU A 534 12.79 17.79 5.28
CA GLU A 534 12.36 16.52 5.86
C GLU A 534 12.61 15.41 4.85
N LEU A 535 13.52 14.49 5.16
CA LEU A 535 14.02 13.56 4.16
C LEU A 535 13.63 12.13 4.49
N GLY A 536 12.76 11.52 3.66
CA GLY A 536 12.47 10.10 3.80
C GLY A 536 11.79 9.67 5.14
N VAL A 537 10.81 10.44 5.58
CA VAL A 537 10.01 10.04 6.73
C VAL A 537 8.72 9.43 6.21
N GLY A 538 8.44 8.19 6.60
CA GLY A 538 7.22 7.46 6.26
C GLY A 538 6.08 7.76 7.25
N MET A 539 5.07 6.91 7.26
CA MET A 539 3.82 7.19 7.90
C MET A 539 3.56 6.26 9.10
N ASN A 540 4.50 5.42 9.50
CA ASN A 540 4.29 4.54 10.65
C ASN A 540 4.11 5.33 11.95
N THR A 541 4.94 6.34 12.20
CA THR A 541 4.85 7.07 13.46
C THR A 541 4.90 8.58 13.16
N PRO A 542 3.84 9.14 12.55
CA PRO A 542 3.91 10.52 12.06
C PRO A 542 4.02 11.56 13.17
N GLY A 543 3.78 11.18 14.42
CA GLY A 543 3.90 12.11 15.55
C GLY A 543 5.34 12.40 15.94
N VAL A 544 6.32 11.61 15.50
CA VAL A 544 7.72 11.81 15.86
C VAL A 544 8.34 12.99 15.13
N LEU A 545 8.19 13.08 13.80
CA LEU A 545 8.72 14.20 13.04
C LEU A 545 7.69 14.95 12.19
N ARG A 546 6.84 14.24 11.46
CA ARG A 546 6.06 14.84 10.39
C ARG A 546 5.04 15.82 10.94
N TRP A 547 4.28 15.41 11.97
CA TRP A 547 3.27 16.32 12.52
C TRP A 547 3.93 17.50 13.27
N PRO A 548 4.97 17.30 14.10
CA PRO A 548 5.68 18.45 14.69
C PRO A 548 6.26 19.43 13.65
N ASN A 549 6.80 18.93 12.52
CA ASN A 549 7.22 19.83 11.47
C ASN A 549 6.03 20.66 10.96
N GLU A 550 4.88 20.04 10.61
CA GLU A 550 3.70 20.76 10.14
C GLU A 550 3.28 21.77 11.21
N ASP A 551 3.42 21.36 12.46
CA ASP A 551 3.04 22.23 13.55
C ASP A 551 3.93 23.47 13.60
N LEU A 552 5.25 23.31 13.49
CA LEU A 552 6.12 24.48 13.62
C LEU A 552 5.73 25.45 12.51
N VAL A 553 5.45 24.91 11.33
CA VAL A 553 5.14 25.76 10.21
C VAL A 553 3.90 26.57 10.55
N MET A 554 2.86 25.90 11.06
CA MET A 554 1.57 26.51 11.38
C MET A 554 1.71 27.60 12.46
N ARG A 555 2.52 27.39 13.51
CA ARG A 555 2.64 28.32 14.63
C ARG A 555 3.51 29.53 14.35
N SER A 556 4.40 29.48 13.34
CA SER A 556 5.56 30.32 13.31
C SER A 556 5.43 31.50 12.35
N ASP A 557 4.22 31.79 11.85
CA ASP A 557 3.91 33.09 11.26
C ASP A 557 4.77 33.37 10.03
N GLY A 558 5.16 32.33 9.32
CA GLY A 558 5.96 32.49 8.13
C GLY A 558 7.46 32.46 8.35
N ARG A 559 7.93 32.31 9.59
CA ARG A 559 9.35 32.28 9.87
C ARG A 559 9.90 30.85 9.69
N VAL A 560 9.03 29.86 9.50
CA VAL A 560 9.43 28.48 9.35
C VAL A 560 8.79 27.95 8.10
N LYS A 561 9.61 27.32 7.22
CA LYS A 561 9.08 26.64 6.06
C LYS A 561 9.57 25.19 6.02
N LEU A 562 8.79 24.33 5.36
CA LEU A 562 9.00 22.92 5.31
C LEU A 562 9.17 22.51 3.84
N ILE A 563 10.24 21.73 3.57
CA ILE A 563 10.40 21.08 2.29
C ILE A 563 10.43 19.60 2.59
N ARG A 564 9.42 18.85 2.19
CA ARG A 564 9.38 17.40 2.38
C ARG A 564 9.84 16.69 1.10
N VAL A 565 10.75 15.73 1.23
CA VAL A 565 11.34 15.07 0.08
C VAL A 565 11.19 13.58 0.34
N GLY A 566 10.67 12.87 -0.65
CA GLY A 566 10.56 11.44 -0.53
C GLY A 566 9.90 10.85 -1.74
N MET A 567 9.93 9.52 -1.80
CA MET A 567 9.34 8.82 -2.93
C MET A 567 7.90 8.51 -2.60
N GLY A 568 7.08 8.47 -3.63
CA GLY A 568 5.72 8.10 -3.33
C GLY A 568 4.91 9.24 -2.71
N PRO A 569 3.60 9.01 -2.54
CA PRO A 569 2.69 10.10 -2.27
C PRO A 569 2.65 10.61 -0.82
N GLU A 570 3.32 9.94 0.13
CA GLU A 570 3.50 10.52 1.47
C GLU A 570 4.48 11.70 1.42
N ALA A 571 5.11 11.96 0.29
CA ALA A 571 5.92 13.16 0.20
C ALA A 571 5.08 14.44 0.21
N MET A 572 3.78 14.37 0.00
CA MET A 572 2.93 15.56 -0.06
C MET A 572 2.83 16.27 1.29
N VAL A 573 2.62 17.59 1.27
CA VAL A 573 2.47 18.46 2.41
C VAL A 573 1.03 18.98 2.47
N PRO A 574 0.59 19.62 3.57
CA PRO A 574 -0.80 20.12 3.64
C PRO A 574 -1.09 21.18 2.57
N TRP A 575 -2.22 20.98 1.90
CA TRP A 575 -2.62 21.82 0.78
C TRP A 575 -2.61 23.30 1.16
N GLU A 576 -3.14 23.59 2.34
CA GLU A 576 -3.29 24.96 2.81
C GLU A 576 -1.92 25.57 3.11
N GLN A 577 -0.92 24.79 3.56
CA GLN A 577 0.41 25.39 3.78
C GLN A 577 1.12 25.64 2.44
N GLU A 578 0.94 24.73 1.47
CA GLU A 578 1.44 25.00 0.13
C GLU A 578 0.81 26.29 -0.41
N ASP A 579 -0.52 26.48 -0.25
CA ASP A 579 -1.20 27.68 -0.73
C ASP A 579 -0.63 28.95 -0.09
N GLU A 580 -0.27 28.90 1.19
CA GLU A 580 0.32 30.08 1.82
C GLU A 580 1.80 30.23 1.48
N GLY A 581 2.39 29.34 0.67
CA GLY A 581 3.81 29.45 0.38
C GLY A 581 4.73 29.12 1.59
N LEU A 582 4.29 28.25 2.50
CA LEU A 582 5.05 27.87 3.68
C LEU A 582 5.63 26.46 3.59
N SER A 583 5.13 25.61 2.69
CA SER A 583 5.52 24.21 2.61
C SER A 583 5.42 23.79 1.16
N THR A 584 6.38 22.97 0.70
CA THR A 584 6.29 22.38 -0.63
C THR A 584 6.89 20.99 -0.55
N CYS A 585 6.77 20.19 -1.60
CA CYS A 585 7.45 18.94 -1.56
C CYS A 585 8.09 18.58 -2.88
N VAL A 586 9.03 17.64 -2.78
CA VAL A 586 9.74 17.12 -3.91
C VAL A 586 9.58 15.62 -3.83
N GLN A 587 8.76 15.13 -4.76
CA GLN A 587 8.51 13.71 -4.86
C GLN A 587 9.44 13.07 -5.90
N GLY A 588 10.34 12.27 -5.39
CA GLY A 588 11.30 11.48 -6.15
C GLY A 588 12.41 10.94 -5.25
N ASP A 589 13.45 10.42 -5.87
CA ASP A 589 14.53 9.76 -5.19
C ASP A 589 15.29 10.85 -4.45
N ILE A 590 15.51 10.62 -3.15
CA ILE A 590 16.24 11.56 -2.31
C ILE A 590 17.66 11.72 -2.82
N GLY A 591 18.23 10.63 -3.32
CA GLY A 591 19.57 10.65 -3.89
C GLY A 591 19.69 11.51 -5.15
N ARG A 592 18.58 11.68 -5.88
CA ARG A 592 18.55 12.55 -7.03
C ARG A 592 18.22 13.96 -6.56
N ALA A 593 17.31 14.12 -5.59
CA ALA A 593 16.86 15.46 -5.29
C ALA A 593 17.91 16.29 -4.58
N ILE A 594 18.70 15.64 -3.71
CA ILE A 594 19.58 16.38 -2.84
C ILE A 594 20.66 17.12 -3.64
N PRO A 595 21.44 16.46 -4.52
CA PRO A 595 22.36 17.23 -5.36
C PRO A 595 21.65 18.37 -6.08
N LEU A 596 20.40 18.17 -6.56
CA LEU A 596 19.70 19.26 -7.25
C LEU A 596 19.27 20.35 -6.28
N LEU A 597 18.83 20.01 -5.05
CA LEU A 597 18.47 21.09 -4.15
C LEU A 597 19.70 21.90 -3.75
N LEU A 598 20.86 21.27 -3.56
CA LEU A 598 21.96 21.90 -2.84
C LEU A 598 23.08 22.43 -3.75
N GLU A 599 23.11 22.08 -5.04
CA GLU A 599 24.10 22.64 -5.96
C GLU A 599 24.00 24.17 -6.05
N THR B 10 16.71 -28.06 6.28
CA THR B 10 15.73 -28.02 5.16
C THR B 10 14.83 -26.79 5.35
N ALA B 11 14.92 -25.87 4.38
CA ALA B 11 14.10 -24.67 4.35
C ALA B 11 12.64 -25.02 4.02
N SER B 12 11.77 -24.02 4.22
CA SER B 12 10.33 -24.19 3.98
C SER B 12 10.06 -24.20 2.48
N VAL B 13 8.87 -24.69 2.15
CA VAL B 13 8.40 -24.72 0.77
C VAL B 13 8.24 -23.29 0.26
N LEU B 14 7.85 -22.32 1.14
CA LEU B 14 7.75 -20.93 0.71
C LEU B 14 9.10 -20.37 0.29
N ASP B 15 10.13 -20.64 1.10
CA ASP B 15 11.47 -20.12 0.82
C ASP B 15 12.02 -20.76 -0.46
N THR B 16 11.98 -22.10 -0.52
CA THR B 16 12.35 -22.87 -1.72
C THR B 16 11.71 -22.32 -2.99
N THR B 17 10.37 -22.20 -2.95
CA THR B 17 9.58 -21.90 -4.14
C THR B 17 9.91 -20.49 -4.58
N LEU B 18 9.99 -19.58 -3.60
CA LEU B 18 10.29 -18.19 -3.88
C LEU B 18 11.65 -18.03 -4.54
N THR B 19 12.68 -18.80 -4.12
CA THR B 19 14.01 -18.53 -4.68
C THR B 19 14.04 -18.99 -6.15
N ARG B 20 13.33 -20.09 -6.45
CA ARG B 20 13.28 -20.60 -7.83
C ARG B 20 12.46 -19.67 -8.75
N LEU B 21 11.54 -18.89 -8.20
CA LEU B 21 10.77 -17.96 -9.01
C LEU B 21 11.59 -16.71 -9.29
N ILE B 22 12.32 -16.24 -8.27
CA ILE B 22 13.26 -15.16 -8.49
C ILE B 22 14.26 -15.61 -9.55
N ASP B 23 14.79 -16.84 -9.41
CA ASP B 23 15.72 -17.43 -10.38
C ASP B 23 15.14 -17.40 -11.81
N ASP B 24 13.87 -17.83 -11.96
CA ASP B 24 13.22 -17.78 -13.26
C ASP B 24 13.12 -16.33 -13.76
N VAL B 25 12.81 -15.38 -12.88
CA VAL B 25 12.63 -13.99 -13.29
C VAL B 25 13.94 -13.43 -13.85
N ILE B 26 15.10 -13.94 -13.39
CA ILE B 26 16.40 -13.51 -13.89
C ILE B 26 16.72 -14.35 -15.13
N GLU B 27 17.18 -15.58 -14.87
CA GLU B 27 17.61 -16.57 -15.85
C GLU B 27 16.99 -16.28 -17.22
N ASN B 28 15.67 -16.24 -17.34
CA ASN B 28 15.02 -16.11 -18.65
C ASN B 28 13.79 -15.20 -18.56
N GLY B 29 13.76 -14.28 -17.59
CA GLY B 29 12.53 -13.58 -17.27
C GLY B 29 12.40 -12.31 -18.09
N SER B 30 11.36 -11.52 -17.78
CA SER B 30 11.33 -10.12 -18.18
C SER B 30 12.12 -9.30 -17.16
N SER B 31 12.05 -7.98 -17.30
CA SER B 31 12.27 -7.04 -16.21
C SER B 31 11.23 -5.94 -16.39
N PHE B 32 10.27 -5.83 -15.46
CA PHE B 32 9.20 -4.83 -15.55
C PHE B 32 9.09 -4.05 -14.24
N LEU B 39 16.41 -7.64 -5.44
CA LEU B 39 16.42 -8.47 -6.67
C LEU B 39 17.21 -9.75 -6.38
N GLN B 40 18.54 -9.64 -6.41
CA GLN B 40 19.44 -10.73 -6.07
C GLN B 40 19.51 -10.88 -4.55
N HIS B 41 19.54 -9.73 -3.85
CA HIS B 41 19.68 -9.68 -2.39
C HIS B 41 18.64 -10.59 -1.72
N TYR B 42 17.39 -10.50 -2.21
CA TYR B 42 16.26 -11.18 -1.60
C TYR B 42 16.58 -12.65 -1.37
N LYS B 43 17.37 -13.28 -2.26
CA LYS B 43 17.57 -14.73 -2.24
C LYS B 43 18.30 -15.20 -0.98
N GLN B 44 19.23 -14.39 -0.45
CA GLN B 44 20.02 -14.78 0.71
C GLN B 44 19.31 -14.47 2.02
N HIS B 45 18.59 -13.35 2.06
CA HIS B 45 17.99 -12.80 3.27
C HIS B 45 16.59 -13.36 3.50
N LEU B 46 15.96 -13.93 2.46
CA LEU B 46 14.54 -14.23 2.56
C LEU B 46 14.24 -15.25 3.68
N SER B 47 15.18 -16.09 4.12
CA SER B 47 14.92 -16.94 5.28
C SER B 47 14.69 -16.12 6.57
N HIS B 48 15.10 -14.83 6.58
CA HIS B 48 14.79 -13.95 7.70
C HIS B 48 13.86 -12.81 7.30
N LEU B 49 13.07 -12.96 6.22
CA LEU B 49 12.09 -11.95 5.84
C LEU B 49 10.72 -12.38 6.34
N GLU B 50 9.78 -11.43 6.41
CA GLU B 50 8.48 -11.70 7.03
C GLU B 50 7.65 -12.50 6.01
N THR B 51 6.89 -13.46 6.52
CA THR B 51 6.10 -14.38 5.73
C THR B 51 5.17 -13.67 4.78
N ALA B 52 4.43 -12.69 5.26
CA ALA B 52 3.48 -11.98 4.40
C ALA B 52 4.21 -11.29 3.25
N SER B 53 5.38 -10.73 3.50
CA SER B 53 6.13 -10.07 2.44
C SER B 53 6.52 -11.07 1.36
N LYS B 54 6.88 -12.26 1.78
CA LYS B 54 7.35 -13.28 0.86
C LYS B 54 6.21 -13.77 -0.03
N ILE B 55 5.00 -13.87 0.54
CA ILE B 55 3.86 -14.33 -0.22
C ILE B 55 3.49 -13.27 -1.24
N ALA B 56 3.56 -11.99 -0.84
CA ALA B 56 3.28 -10.89 -1.77
C ALA B 56 4.27 -10.94 -2.93
N LEU B 57 5.55 -11.20 -2.62
CA LEU B 57 6.57 -11.20 -3.65
C LEU B 57 6.34 -12.36 -4.61
N LEU B 58 6.10 -13.54 -4.04
CA LEU B 58 5.73 -14.70 -4.81
C LEU B 58 4.57 -14.37 -5.74
N ARG B 59 3.52 -13.70 -5.27
CA ARG B 59 2.39 -13.41 -6.16
C ARG B 59 2.77 -12.40 -7.25
N GLU B 60 3.71 -11.49 -6.97
CA GLU B 60 4.16 -10.52 -7.95
C GLU B 60 4.93 -11.26 -9.05
N CYS B 61 5.84 -12.15 -8.62
CA CYS B 61 6.61 -12.96 -9.54
C CYS B 61 5.72 -13.69 -10.56
N LEU B 62 4.54 -14.15 -10.12
CA LEU B 62 3.63 -14.92 -10.95
C LEU B 62 2.82 -14.02 -11.88
N CYS B 63 2.34 -12.88 -11.36
CA CYS B 63 1.61 -11.89 -12.15
C CYS B 63 2.43 -11.47 -13.38
N VAL B 64 3.77 -11.33 -13.24
CA VAL B 64 4.61 -10.81 -14.29
C VAL B 64 5.40 -11.94 -14.97
N ARG B 65 5.04 -13.20 -14.72
CA ARG B 65 5.74 -14.26 -15.44
C ARG B 65 5.23 -14.21 -16.88
N PRO B 66 6.12 -14.04 -17.89
CA PRO B 66 5.71 -14.31 -19.27
C PRO B 66 5.46 -15.82 -19.31
N PRO B 67 4.28 -16.30 -19.78
CA PRO B 67 4.01 -17.75 -19.80
C PRO B 67 4.97 -18.55 -20.68
N LEU B 68 5.55 -17.90 -21.71
CA LEU B 68 6.35 -18.50 -22.78
C LEU B 68 7.13 -19.73 -22.29
N PRO B 69 8.20 -19.62 -21.44
CA PRO B 69 8.95 -20.81 -21.00
C PRO B 69 8.20 -21.49 -19.86
N LEU B 70 7.58 -22.65 -20.14
CA LEU B 70 6.67 -23.28 -19.20
C LEU B 70 7.41 -23.68 -17.94
N LEU B 71 6.84 -23.29 -16.78
CA LEU B 71 7.37 -23.67 -15.48
C LEU B 71 7.48 -25.19 -15.36
N PRO B 72 8.52 -25.69 -14.67
CA PRO B 72 8.66 -27.13 -14.41
C PRO B 72 7.58 -27.65 -13.47
N GLU B 73 7.21 -28.91 -13.68
CA GLU B 73 6.12 -29.56 -13.00
C GLU B 73 6.24 -29.43 -11.48
N ASP B 74 7.38 -29.79 -10.88
CA ASP B 74 7.50 -29.84 -9.43
C ASP B 74 7.37 -28.44 -8.79
N LEU B 75 7.75 -27.39 -9.53
CA LEU B 75 7.61 -26.02 -9.08
C LEU B 75 6.15 -25.56 -9.14
N LEU B 76 5.45 -25.95 -10.20
CA LEU B 76 4.02 -25.69 -10.30
C LEU B 76 3.25 -26.36 -9.16
N GLN B 77 3.69 -27.54 -8.73
CA GLN B 77 3.04 -28.24 -7.63
C GLN B 77 3.20 -27.44 -6.32
N ASN B 78 4.41 -26.94 -6.08
CA ASN B 78 4.69 -26.15 -4.89
C ASN B 78 3.90 -24.84 -4.90
N VAL B 79 3.91 -24.15 -6.04
CA VAL B 79 3.14 -22.94 -6.16
C VAL B 79 1.70 -23.26 -5.77
N ASP B 80 1.17 -24.34 -6.40
CA ASP B 80 -0.22 -24.70 -6.22
C ASP B 80 -0.53 -24.99 -4.72
N SER B 81 0.38 -25.71 -4.04
CA SER B 81 0.17 -26.00 -2.61
C SER B 81 0.09 -24.73 -1.75
N ILE B 82 0.93 -23.75 -2.08
CA ILE B 82 1.03 -22.55 -1.29
C ILE B 82 -0.23 -21.70 -1.46
N LEU B 83 -0.67 -21.52 -2.71
CA LEU B 83 -1.88 -20.75 -2.97
C LEU B 83 -3.08 -21.35 -2.23
N THR B 84 -3.14 -22.67 -2.19
CA THR B 84 -4.24 -23.36 -1.55
C THR B 84 -4.17 -23.16 -0.03
N ARG B 85 -2.99 -23.37 0.55
CA ARG B 85 -2.81 -23.19 1.97
C ARG B 85 -3.16 -21.76 2.38
N VAL B 86 -2.72 -20.76 1.62
CA VAL B 86 -3.01 -19.39 1.96
C VAL B 86 -4.52 -19.15 1.86
N ARG B 87 -5.17 -19.69 0.83
CA ARG B 87 -6.58 -19.39 0.61
C ARG B 87 -7.43 -20.05 1.70
N GLN B 88 -6.93 -21.09 2.36
CA GLN B 88 -7.69 -21.74 3.43
C GLN B 88 -7.74 -20.92 4.72
N HIS B 89 -6.98 -19.82 4.79
CA HIS B 89 -7.06 -18.87 5.89
C HIS B 89 -8.27 -17.98 5.77
N LYS B 90 -8.79 -17.84 4.56
CA LYS B 90 -10.00 -17.06 4.35
C LYS B 90 -11.16 -17.82 4.94
N ILE B 91 -12.24 -17.11 5.28
CA ILE B 91 -13.46 -17.74 5.70
C ILE B 91 -14.14 -18.36 4.49
N LEU B 92 -14.32 -19.68 4.57
CA LEU B 92 -14.74 -20.51 3.45
C LEU B 92 -16.21 -20.84 3.64
N THR B 93 -16.97 -20.87 2.54
CA THR B 93 -18.37 -21.28 2.53
C THR B 93 -18.60 -22.52 1.66
N PRO B 94 -18.84 -23.71 2.25
CA PRO B 94 -19.26 -24.90 1.50
C PRO B 94 -20.63 -24.73 0.83
N ILE B 95 -20.78 -25.22 -0.41
CA ILE B 95 -22.06 -25.19 -1.12
C ILE B 95 -23.17 -25.78 -0.26
N PHE B 96 -22.92 -26.89 0.43
CA PHE B 96 -23.98 -27.57 1.14
C PHE B 96 -24.48 -26.77 2.35
N SER B 97 -23.89 -25.61 2.66
CA SER B 97 -24.34 -24.81 3.78
C SER B 97 -25.26 -23.70 3.28
N LEU B 98 -25.35 -23.49 1.96
CA LEU B 98 -26.15 -22.39 1.47
C LEU B 98 -27.62 -22.77 1.57
N SER B 99 -28.46 -21.74 1.68
CA SER B 99 -29.89 -21.93 1.79
C SER B 99 -30.57 -21.43 0.51
N PRO B 100 -31.34 -22.29 -0.20
CA PRO B 100 -31.99 -21.91 -1.46
C PRO B 100 -33.12 -20.88 -1.38
N SER B 101 -33.26 -20.07 -2.44
CA SER B 101 -34.29 -19.05 -2.59
C SER B 101 -35.30 -19.43 -3.67
N ARG B 102 -35.12 -20.60 -4.31
CA ARG B 102 -36.07 -21.14 -5.27
C ARG B 102 -35.68 -22.57 -5.63
N LEU B 103 -36.68 -23.44 -5.79
CA LEU B 103 -36.45 -24.86 -6.05
C LEU B 103 -37.16 -25.22 -7.35
N ILE B 104 -36.41 -25.80 -8.29
CA ILE B 104 -36.98 -26.27 -9.54
C ILE B 104 -37.06 -27.79 -9.46
N LYS B 105 -38.30 -28.29 -9.35
CA LYS B 105 -38.53 -29.70 -9.12
C LYS B 105 -38.59 -30.37 -10.50
N HIS B 106 -37.88 -31.49 -10.65
CA HIS B 106 -37.81 -32.25 -11.89
C HIS B 106 -38.69 -33.50 -11.78
N GLY B 107 -40.00 -33.32 -11.96
CA GLY B 107 -40.98 -34.36 -11.69
C GLY B 107 -40.73 -34.99 -10.31
N ASP B 108 -40.20 -36.22 -10.31
CA ASP B 108 -40.01 -36.99 -9.08
C ASP B 108 -38.58 -37.51 -8.98
N LEU B 109 -37.72 -37.25 -9.99
CA LEU B 109 -36.43 -37.92 -10.08
C LEU B 109 -35.26 -36.93 -9.93
N GLY B 110 -35.49 -35.81 -9.23
CA GLY B 110 -34.43 -34.83 -8.99
C GLY B 110 -34.98 -33.44 -8.67
N ALA B 111 -34.07 -32.49 -8.43
CA ALA B 111 -34.42 -31.07 -8.29
C ALA B 111 -33.16 -30.21 -8.38
N THR B 112 -33.31 -28.96 -8.87
CA THR B 112 -32.21 -28.01 -8.86
C THR B 112 -32.54 -26.88 -7.91
N ARG B 113 -31.63 -26.66 -6.94
CA ARG B 113 -31.73 -25.53 -6.04
C ARG B 113 -31.06 -24.31 -6.67
N ILE B 114 -31.71 -23.16 -6.51
CA ILE B 114 -31.14 -21.88 -6.91
C ILE B 114 -30.90 -21.03 -5.66
N HIS B 115 -29.64 -20.57 -5.49
CA HIS B 115 -29.25 -19.81 -4.32
C HIS B 115 -28.80 -18.40 -4.71
N LEU B 116 -28.92 -17.46 -3.76
CA LEU B 116 -28.28 -16.16 -3.86
C LEU B 116 -27.20 -16.05 -2.78
N TRP B 117 -26.02 -15.59 -3.16
CA TRP B 117 -24.92 -15.50 -2.21
C TRP B 117 -23.96 -14.39 -2.58
N ARG B 118 -23.75 -13.50 -1.61
CA ARG B 118 -22.85 -12.38 -1.74
C ARG B 118 -21.51 -12.72 -1.09
N GLY B 119 -20.43 -12.53 -1.82
CA GLY B 119 -19.13 -12.95 -1.32
C GLY B 119 -18.10 -13.19 -2.43
N ASP B 120 -16.91 -13.65 -2.00
CA ASP B 120 -15.76 -13.90 -2.85
C ASP B 120 -15.90 -15.29 -3.45
N ILE B 121 -15.99 -15.37 -4.79
CA ILE B 121 -16.35 -16.60 -5.49
C ILE B 121 -15.32 -17.71 -5.27
N THR B 122 -14.04 -17.33 -5.12
CA THR B 122 -12.98 -18.29 -4.88
C THR B 122 -12.97 -18.85 -3.46
N THR B 123 -13.93 -18.44 -2.60
CA THR B 123 -13.99 -18.97 -1.25
C THR B 123 -15.14 -19.95 -1.09
N LEU B 124 -15.88 -20.27 -2.19
CA LEU B 124 -16.88 -21.34 -2.14
C LEU B 124 -16.17 -22.67 -2.21
N THR B 125 -16.66 -23.61 -1.41
CA THR B 125 -16.08 -24.94 -1.33
C THR B 125 -17.12 -25.99 -1.72
N GLY B 126 -16.65 -27.13 -2.22
CA GLY B 126 -17.54 -28.17 -2.69
C GLY B 126 -18.35 -27.70 -3.91
N VAL B 127 -17.74 -26.91 -4.80
CA VAL B 127 -18.46 -26.39 -5.96
C VAL B 127 -17.84 -26.97 -7.22
N THR B 128 -18.68 -27.47 -8.13
CA THR B 128 -18.17 -28.07 -9.36
C THR B 128 -17.48 -27.03 -10.27
N ALA B 129 -18.14 -25.89 -10.46
CA ALA B 129 -17.67 -24.90 -11.42
C ALA B 129 -17.95 -23.48 -10.94
N ILE B 130 -17.05 -22.56 -11.35
CA ILE B 130 -17.27 -21.14 -11.19
C ILE B 130 -17.03 -20.44 -12.53
N THR B 131 -17.49 -19.20 -12.60
CA THR B 131 -17.58 -18.46 -13.85
C THR B 131 -16.60 -17.29 -13.87
N ASN B 132 -16.04 -17.00 -15.04
CA ASN B 132 -15.09 -15.93 -15.24
C ASN B 132 -15.42 -15.18 -16.53
N ALA B 133 -15.55 -13.84 -16.44
CA ALA B 133 -15.77 -12.98 -17.60
C ALA B 133 -14.43 -12.55 -18.24
N ALA B 134 -14.13 -13.04 -19.46
CA ALA B 134 -12.80 -12.83 -20.06
C ALA B 134 -12.70 -11.42 -20.67
N ASP B 150 -11.47 -12.04 -14.45
CA ASP B 150 -10.07 -12.39 -14.82
C ASP B 150 -9.26 -12.43 -13.53
N ASN B 151 -9.35 -11.32 -12.77
CA ASN B 151 -8.36 -10.90 -11.80
C ASN B 151 -8.25 -11.91 -10.65
N ILE B 152 -9.34 -12.08 -9.89
CA ILE B 152 -9.30 -12.92 -8.70
C ILE B 152 -9.10 -14.38 -9.09
N ILE B 153 -9.72 -14.82 -10.20
CA ILE B 153 -9.70 -16.25 -10.49
C ILE B 153 -8.29 -16.69 -10.91
N HIS B 154 -7.62 -15.88 -11.74
CA HIS B 154 -6.26 -16.18 -12.18
C HIS B 154 -5.21 -16.13 -11.07
N ALA B 155 -5.30 -15.14 -10.18
CA ALA B 155 -4.44 -15.07 -8.99
C ALA B 155 -4.56 -16.36 -8.16
N GLU B 156 -5.79 -16.82 -8.00
CA GLU B 156 -6.02 -17.94 -7.10
C GLU B 156 -5.78 -19.29 -7.78
N ALA B 157 -5.99 -19.41 -9.09
CA ALA B 157 -5.94 -20.70 -9.77
C ALA B 157 -4.50 -21.14 -9.97
N GLY B 158 -3.62 -20.14 -10.04
CA GLY B 158 -2.21 -20.35 -10.25
C GLY B 158 -1.91 -20.35 -11.74
N PRO B 159 -0.61 -20.42 -12.09
CA PRO B 159 -0.21 -20.23 -13.49
C PRO B 159 -0.62 -21.35 -14.46
N ARG B 160 -0.96 -22.55 -13.95
CA ARG B 160 -1.53 -23.57 -14.81
C ARG B 160 -2.76 -23.02 -15.55
N LEU B 161 -3.55 -22.12 -14.95
CA LEU B 161 -4.79 -21.72 -15.60
C LEU B 161 -4.46 -20.88 -16.82
N ARG B 162 -3.54 -19.93 -16.67
CA ARG B 162 -3.06 -19.13 -17.78
C ARG B 162 -2.56 -20.04 -18.93
N GLU B 163 -1.82 -21.11 -18.62
CA GLU B 163 -1.24 -21.95 -19.65
CA GLU B 163 -1.24 -21.97 -19.64
C GLU B 163 -2.34 -22.79 -20.33
N GLU B 164 -3.38 -23.20 -19.60
CA GLU B 164 -4.43 -23.99 -20.25
C GLU B 164 -5.33 -23.08 -21.11
N CYS B 165 -5.63 -21.87 -20.63
CA CYS B 165 -6.38 -20.91 -21.44
C CYS B 165 -5.64 -20.58 -22.73
N PHE B 166 -4.30 -20.47 -22.66
CA PHE B 166 -3.44 -20.11 -23.79
C PHE B 166 -3.49 -21.21 -24.85
N GLN B 167 -3.28 -22.48 -24.45
CA GLN B 167 -3.37 -23.66 -25.29
C GLN B 167 -4.73 -23.78 -25.98
N ARG B 168 -5.82 -23.58 -25.24
CA ARG B 168 -7.14 -23.87 -25.78
C ARG B 168 -7.55 -22.75 -26.72
N MET B 169 -7.03 -21.53 -26.48
CA MET B 169 -7.29 -20.39 -27.33
C MET B 169 -6.55 -20.57 -28.67
N GLN B 170 -5.26 -20.92 -28.61
CA GLN B 170 -4.53 -21.26 -29.83
C GLN B 170 -5.28 -22.35 -30.61
N ALA B 171 -5.66 -23.44 -29.93
CA ALA B 171 -6.23 -24.60 -30.58
C ALA B 171 -7.60 -24.31 -31.20
N ARG B 172 -8.32 -23.28 -30.75
CA ARG B 172 -9.56 -22.92 -31.42
C ARG B 172 -9.28 -21.82 -32.45
N GLY B 173 -8.20 -21.04 -32.24
CA GLY B 173 -7.68 -20.10 -33.23
C GLY B 173 -8.36 -18.74 -33.16
N LYS B 174 -9.70 -18.77 -33.16
CA LYS B 174 -10.54 -17.59 -33.04
C LYS B 174 -10.56 -17.09 -31.59
N GLU B 175 -10.99 -15.83 -31.41
CA GLU B 175 -11.39 -15.34 -30.09
C GLU B 175 -12.87 -15.67 -29.88
N LEU B 176 -13.33 -15.58 -28.62
CA LEU B 176 -14.63 -16.09 -28.24
C LEU B 176 -15.70 -15.07 -28.61
N GLU B 177 -16.76 -15.55 -29.28
CA GLU B 177 -17.90 -14.70 -29.63
C GLU B 177 -18.73 -14.46 -28.38
N PRO B 178 -19.33 -13.26 -28.19
CA PRO B 178 -20.32 -13.03 -27.14
C PRO B 178 -21.35 -14.15 -27.08
N GLY B 179 -21.57 -14.70 -25.88
CA GLY B 179 -22.55 -15.77 -25.67
C GLY B 179 -21.89 -17.14 -25.48
N GLU B 180 -20.61 -17.25 -25.89
CA GLU B 180 -19.91 -18.52 -25.92
C GLU B 180 -19.07 -18.72 -24.64
N VAL B 181 -18.58 -19.96 -24.50
CA VAL B 181 -17.97 -20.40 -23.26
C VAL B 181 -16.80 -21.31 -23.61
N LEU B 182 -15.70 -21.17 -22.86
CA LEU B 182 -14.61 -22.13 -22.82
C LEU B 182 -14.45 -22.69 -21.40
N VAL B 183 -14.20 -24.00 -21.32
CA VAL B 183 -14.06 -24.69 -20.05
C VAL B 183 -12.60 -25.07 -19.83
N THR B 184 -12.08 -24.65 -18.68
CA THR B 184 -10.78 -25.09 -18.19
C THR B 184 -10.94 -25.85 -16.89
N GLU B 185 -9.84 -26.47 -16.45
CA GLU B 185 -9.76 -26.93 -15.07
C GLU B 185 -9.67 -25.71 -14.14
N GLY B 186 -9.95 -25.94 -12.86
CA GLY B 186 -9.82 -24.92 -11.83
C GLY B 186 -8.42 -24.91 -11.21
N HIS B 187 -7.64 -25.99 -11.38
CA HIS B 187 -6.28 -26.10 -10.90
C HIS B 187 -6.26 -25.79 -9.41
N ALA B 188 -5.60 -24.69 -8.98
CA ALA B 188 -5.41 -24.46 -7.55
C ALA B 188 -6.69 -23.98 -6.84
N LEU B 189 -7.75 -23.67 -7.60
CA LEU B 189 -9.02 -23.25 -7.03
C LEU B 189 -9.64 -24.43 -6.32
N PHE B 190 -10.61 -24.12 -5.45
CA PHE B 190 -11.40 -25.16 -4.83
C PHE B 190 -12.35 -25.76 -5.84
N ALA B 191 -12.72 -24.97 -6.86
CA ALA B 191 -13.65 -25.41 -7.90
C ALA B 191 -12.97 -26.37 -8.87
N SER B 192 -13.71 -27.39 -9.33
CA SER B 192 -13.17 -28.38 -10.26
C SER B 192 -12.90 -27.76 -11.62
N SER B 193 -13.78 -26.85 -12.07
CA SER B 193 -13.71 -26.26 -13.40
C SER B 193 -14.00 -24.78 -13.33
N VAL B 194 -13.56 -24.06 -14.37
CA VAL B 194 -13.90 -22.66 -14.59
C VAL B 194 -14.55 -22.52 -15.97
N MET B 195 -15.61 -21.69 -16.05
CA MET B 195 -16.33 -21.41 -17.28
C MET B 195 -16.03 -19.97 -17.68
N HIS B 196 -15.25 -19.80 -18.76
CA HIS B 196 -14.88 -18.47 -19.21
C HIS B 196 -15.85 -18.08 -20.30
N THR B 197 -16.50 -16.92 -20.12
CA THR B 197 -17.45 -16.46 -21.10
C THR B 197 -17.21 -14.97 -21.41
N VAL B 198 -17.63 -14.54 -22.60
CA VAL B 198 -17.71 -13.11 -22.93
C VAL B 198 -19.18 -12.77 -23.17
N GLY B 199 -19.71 -11.80 -22.42
CA GLY B 199 -21.00 -11.20 -22.68
C GLY B 199 -20.95 -10.11 -23.74
N PRO B 200 -22.08 -9.46 -24.06
CA PRO B 200 -22.09 -8.36 -25.04
C PRO B 200 -21.45 -7.07 -24.51
N GLN B 201 -20.93 -6.22 -25.41
CA GLN B 201 -20.35 -4.93 -25.06
C GLN B 201 -21.08 -3.80 -25.79
N LEU B 202 -21.12 -2.62 -25.15
CA LEU B 202 -22.10 -1.58 -25.44
C LEU B 202 -21.40 -0.30 -25.91
N LYS B 203 -22.16 0.81 -26.02
CA LYS B 203 -21.59 2.13 -26.27
C LYS B 203 -22.08 3.09 -25.19
N SER B 207 -28.91 1.07 -23.16
CA SER B 207 -29.32 1.24 -24.58
C SER B 207 -29.11 -0.05 -25.36
N PRO B 208 -29.66 -1.21 -24.91
CA PRO B 208 -29.22 -2.50 -25.46
C PRO B 208 -30.10 -2.98 -26.62
N THR B 209 -29.48 -3.41 -27.73
CA THR B 209 -30.22 -3.94 -28.87
C THR B 209 -30.72 -5.34 -28.55
N GLU B 210 -31.65 -5.84 -29.38
CA GLU B 210 -32.27 -7.14 -29.21
C GLU B 210 -31.24 -8.26 -29.34
N THR B 211 -30.20 -8.05 -30.17
CA THR B 211 -29.19 -9.08 -30.34
C THR B 211 -28.34 -9.19 -29.08
N GLU B 212 -28.08 -8.05 -28.43
CA GLU B 212 -27.27 -8.02 -27.23
C GLU B 212 -28.04 -8.61 -26.04
N ARG B 213 -29.36 -8.34 -25.97
CA ARG B 213 -30.15 -8.94 -24.92
C ARG B 213 -30.00 -10.46 -25.04
N ARG B 214 -30.16 -10.97 -26.27
CA ARG B 214 -30.12 -12.40 -26.54
C ARG B 214 -28.72 -12.99 -26.34
N GLN B 215 -27.66 -12.20 -26.57
CA GLN B 215 -26.30 -12.65 -26.33
C GLN B 215 -26.07 -12.90 -24.84
N LEU B 216 -26.56 -12.00 -23.98
CA LEU B 216 -26.39 -12.19 -22.56
C LEU B 216 -27.07 -13.49 -22.11
N ALA B 217 -28.29 -13.72 -22.60
CA ALA B 217 -29.05 -14.89 -22.17
C ALA B 217 -28.32 -16.15 -22.61
N LYS B 218 -27.77 -16.13 -23.83
CA LYS B 218 -27.05 -17.24 -24.42
C LYS B 218 -25.89 -17.69 -23.53
N CYS B 219 -25.22 -16.72 -22.90
CA CYS B 219 -24.14 -17.00 -21.96
C CYS B 219 -24.55 -18.03 -20.91
N TYR B 220 -25.69 -17.76 -20.26
CA TYR B 220 -26.18 -18.58 -19.17
C TYR B 220 -26.56 -19.97 -19.67
N GLU B 221 -27.26 -20.02 -20.81
CA GLU B 221 -27.63 -21.27 -21.46
C GLU B 221 -26.37 -22.06 -21.83
N SER B 222 -25.41 -21.41 -22.50
CA SER B 222 -24.14 -22.04 -22.82
C SER B 222 -23.47 -22.58 -21.55
N ILE B 223 -23.52 -21.83 -20.43
CA ILE B 223 -22.87 -22.27 -19.20
C ILE B 223 -23.56 -23.51 -18.66
N LEU B 224 -24.88 -23.50 -18.58
CA LEU B 224 -25.60 -24.66 -18.05
C LEU B 224 -25.43 -25.91 -18.94
N GLU B 225 -25.34 -25.76 -20.26
CA GLU B 225 -25.14 -26.90 -21.13
C GLU B 225 -23.74 -27.46 -20.96
N ALA B 226 -22.74 -26.59 -20.83
CA ALA B 226 -21.39 -27.04 -20.58
C ALA B 226 -21.34 -27.76 -19.24
N LEU B 227 -22.06 -27.23 -18.24
CA LEU B 227 -22.04 -27.78 -16.89
C LEU B 227 -22.62 -29.20 -16.88
N GLU B 228 -23.67 -29.40 -17.69
CA GLU B 228 -24.30 -30.70 -17.89
C GLU B 228 -23.31 -31.76 -18.33
N LEU B 229 -22.31 -31.35 -19.10
CA LEU B 229 -21.36 -32.27 -19.70
C LEU B 229 -20.23 -32.62 -18.74
N LEU B 230 -20.03 -31.87 -17.63
CA LEU B 230 -18.91 -32.18 -16.74
C LEU B 230 -19.22 -33.42 -15.88
N PRO B 231 -18.21 -34.17 -15.37
CA PRO B 231 -18.47 -35.19 -14.36
C PRO B 231 -19.04 -34.52 -13.12
N SER B 232 -19.80 -35.24 -12.32
CA SER B 232 -20.15 -34.68 -11.04
C SER B 232 -19.06 -35.03 -10.02
N ASP B 233 -19.12 -34.45 -8.82
CA ASP B 233 -18.13 -34.73 -7.78
C ASP B 233 -18.50 -36.05 -7.13
N GLU B 234 -17.74 -36.44 -6.10
CA GLU B 234 -17.82 -37.75 -5.46
C GLU B 234 -19.23 -38.03 -4.93
N ASP B 235 -19.89 -37.00 -4.37
CA ASP B 235 -21.20 -37.19 -3.72
C ASP B 235 -22.38 -37.05 -4.71
N GLY B 236 -22.10 -36.93 -6.01
CA GLY B 236 -23.14 -36.93 -7.03
C GLY B 236 -23.77 -35.55 -7.27
N SER B 237 -23.26 -34.51 -6.61
CA SER B 237 -23.81 -33.18 -6.82
C SER B 237 -23.11 -32.50 -7.99
N LYS B 238 -23.71 -31.43 -8.47
CA LYS B 238 -23.12 -30.67 -9.56
C LYS B 238 -23.59 -29.23 -9.47
N SER B 239 -22.65 -28.32 -9.24
CA SER B 239 -23.01 -26.95 -8.88
C SER B 239 -22.15 -25.93 -9.64
N ILE B 240 -22.75 -24.77 -9.90
CA ILE B 240 -22.11 -23.67 -10.60
C ILE B 240 -22.38 -22.41 -9.80
N ALA B 241 -21.33 -21.59 -9.66
CA ALA B 241 -21.49 -20.22 -9.23
C ALA B 241 -21.34 -19.29 -10.42
N LEU B 242 -22.41 -18.53 -10.64
CA LEU B 242 -22.50 -17.52 -11.68
C LEU B 242 -22.15 -16.15 -11.15
N CYS B 243 -21.14 -15.53 -11.76
CA CYS B 243 -20.80 -14.15 -11.49
C CYS B 243 -21.61 -13.28 -12.42
N CYS B 244 -21.67 -11.99 -12.09
CA CYS B 244 -22.26 -11.00 -12.97
C CYS B 244 -21.32 -10.80 -14.15
N ILE B 245 -21.88 -10.67 -15.35
CA ILE B 245 -21.10 -10.72 -16.58
C ILE B 245 -20.78 -9.26 -16.99
N ALA B 251 -20.80 -2.40 -20.12
CA ALA B 251 -21.37 -1.59 -19.00
C ALA B 251 -22.89 -1.72 -19.00
N PHE B 252 -23.38 -2.93 -18.69
CA PHE B 252 -24.78 -3.32 -18.85
C PHE B 252 -25.62 -2.82 -17.68
N PRO B 253 -26.83 -2.28 -17.89
CA PRO B 253 -27.72 -1.98 -16.76
C PRO B 253 -27.90 -3.18 -15.82
N ALA B 254 -27.55 -2.98 -14.54
CA ALA B 254 -27.51 -4.05 -13.56
C ALA B 254 -28.87 -4.73 -13.40
N ASP B 255 -29.94 -3.93 -13.33
CA ASP B 255 -31.26 -4.43 -12.99
C ASP B 255 -31.76 -5.35 -14.10
N GLU B 256 -31.50 -4.97 -15.37
CA GLU B 256 -31.96 -5.74 -16.51
C GLU B 256 -31.14 -7.02 -16.68
N ALA B 257 -29.80 -6.91 -16.55
CA ALA B 257 -28.93 -8.07 -16.63
C ALA B 257 -29.35 -9.10 -15.58
N ALA B 258 -29.68 -8.61 -14.38
CA ALA B 258 -30.06 -9.50 -13.30
C ALA B 258 -31.32 -10.29 -13.62
N GLU B 259 -32.32 -9.67 -14.29
CA GLU B 259 -33.57 -10.39 -14.49
C GLU B 259 -33.45 -11.33 -15.70
N ILE B 260 -32.66 -10.94 -16.71
CA ILE B 260 -32.37 -11.87 -17.80
C ILE B 260 -31.69 -13.11 -17.25
N ALA B 261 -30.80 -12.95 -16.26
CA ALA B 261 -30.09 -14.07 -15.66
C ALA B 261 -31.06 -15.01 -14.93
N VAL B 262 -31.97 -14.44 -14.14
CA VAL B 262 -32.90 -15.23 -13.34
C VAL B 262 -33.94 -15.90 -14.24
N SER B 263 -34.51 -15.14 -15.18
CA SER B 263 -35.47 -15.68 -16.14
C SER B 263 -34.83 -16.80 -16.97
N THR B 264 -33.64 -16.53 -17.54
CA THR B 264 -32.95 -17.49 -18.39
C THR B 264 -32.63 -18.78 -17.63
N VAL B 265 -32.07 -18.67 -16.41
CA VAL B 265 -31.71 -19.86 -15.65
C VAL B 265 -32.95 -20.63 -15.26
N THR B 266 -33.98 -19.88 -14.84
CA THR B 266 -35.25 -20.46 -14.43
C THR B 266 -35.87 -21.33 -15.53
N SER B 267 -36.11 -20.73 -16.71
CA SER B 267 -36.76 -21.47 -17.80
C SER B 267 -35.89 -22.63 -18.27
N TRP B 268 -34.55 -22.44 -18.28
CA TRP B 268 -33.68 -23.48 -18.81
C TRP B 268 -33.81 -24.72 -17.93
N LEU B 269 -33.90 -24.50 -16.62
CA LEU B 269 -33.98 -25.61 -15.68
C LEU B 269 -35.35 -26.29 -15.76
N GLN B 270 -36.40 -25.46 -15.90
CA GLN B 270 -37.77 -25.94 -16.06
C GLN B 270 -37.85 -26.91 -17.25
N LYS B 271 -37.18 -26.53 -18.35
CA LYS B 271 -37.30 -27.21 -19.62
C LYS B 271 -36.31 -28.38 -19.76
N HIS B 272 -35.46 -28.61 -18.75
CA HIS B 272 -34.52 -29.73 -18.85
C HIS B 272 -34.73 -30.67 -17.66
N PRO B 273 -35.84 -31.42 -17.60
CA PRO B 273 -36.14 -32.28 -16.46
C PRO B 273 -35.12 -33.39 -16.20
N SER B 274 -34.31 -33.75 -17.21
CA SER B 274 -33.32 -34.81 -17.08
C SER B 274 -31.93 -34.32 -16.64
N THR B 275 -31.88 -33.16 -15.97
CA THR B 275 -30.61 -32.50 -15.69
C THR B 275 -29.92 -33.11 -14.47
N THR B 276 -28.59 -33.24 -14.59
CA THR B 276 -27.75 -33.69 -13.50
C THR B 276 -27.29 -32.48 -12.67
N ILE B 277 -27.78 -31.27 -12.99
CA ILE B 277 -27.33 -30.05 -12.34
C ILE B 277 -28.18 -29.85 -11.09
N THR B 278 -27.51 -29.71 -9.92
CA THR B 278 -28.16 -29.80 -8.61
C THR B 278 -28.22 -28.44 -7.91
N ASP B 279 -27.25 -27.54 -8.17
CA ASP B 279 -27.26 -26.21 -7.55
C ASP B 279 -26.71 -25.15 -8.51
N VAL B 280 -27.45 -24.03 -8.62
CA VAL B 280 -26.99 -22.83 -9.28
C VAL B 280 -26.94 -21.71 -8.23
N ILE B 281 -25.77 -21.07 -8.07
CA ILE B 281 -25.53 -19.96 -7.14
C ILE B 281 -25.40 -18.67 -7.96
N PHE B 282 -26.30 -17.70 -7.75
CA PHE B 282 -26.02 -16.36 -8.23
C PHE B 282 -25.11 -15.70 -7.19
N ASN B 283 -23.91 -15.34 -7.65
CA ASN B 283 -22.87 -14.77 -6.82
C ASN B 283 -22.77 -13.27 -7.09
N THR B 284 -23.22 -12.45 -6.15
CA THR B 284 -23.06 -11.01 -6.29
C THR B 284 -21.88 -10.50 -5.45
N PHE B 285 -21.43 -9.27 -5.72
CA PHE B 285 -20.37 -8.64 -4.92
C PHE B 285 -20.93 -7.41 -4.21
N THR B 286 -21.67 -6.56 -4.93
CA THR B 286 -22.16 -5.29 -4.38
C THR B 286 -23.54 -5.48 -3.76
N GLN B 287 -23.91 -4.56 -2.86
CA GLN B 287 -25.16 -4.67 -2.13
C GLN B 287 -26.34 -4.39 -3.06
N SER B 288 -26.15 -3.53 -4.07
CA SER B 288 -27.23 -3.19 -5.00
C SER B 288 -27.63 -4.40 -5.85
N ASP B 289 -26.65 -5.16 -6.34
CA ASP B 289 -26.91 -6.36 -7.12
C ASP B 289 -27.65 -7.38 -6.25
N THR B 290 -27.22 -7.53 -4.99
CA THR B 290 -27.79 -8.51 -4.09
C THR B 290 -29.27 -8.19 -3.85
N GLU B 291 -29.62 -6.90 -3.93
CA GLU B 291 -30.98 -6.42 -3.75
C GLU B 291 -31.83 -6.71 -4.99
N PHE B 292 -31.31 -6.33 -6.17
CA PHE B 292 -31.95 -6.67 -7.44
C PHE B 292 -32.27 -8.16 -7.45
N TYR B 293 -31.29 -9.01 -7.08
CA TYR B 293 -31.43 -10.45 -7.18
C TYR B 293 -32.41 -10.96 -6.11
N SER B 294 -32.31 -10.44 -4.87
CA SER B 294 -33.20 -10.85 -3.80
C SER B 294 -34.67 -10.58 -4.16
N LYS B 295 -34.93 -9.46 -4.84
CA LYS B 295 -36.28 -9.13 -5.30
C LYS B 295 -36.81 -10.21 -6.25
N LEU B 296 -36.01 -10.55 -7.26
CA LEU B 296 -36.39 -11.47 -8.32
C LEU B 296 -36.60 -12.88 -7.76
N LEU B 297 -35.80 -13.28 -6.78
CA LEU B 297 -35.76 -14.69 -6.38
C LEU B 297 -36.71 -14.94 -5.22
N GLY B 298 -36.66 -14.04 -4.22
CA GLY B 298 -37.55 -14.10 -3.06
C GLY B 298 -36.77 -14.21 -1.75
N PRO B 299 -37.48 -14.37 -0.61
CA PRO B 299 -36.83 -14.67 0.68
C PRO B 299 -36.31 -16.10 0.68
N SER B 300 -35.87 -16.60 1.84
CA SER B 300 -35.26 -17.92 1.90
C SER B 300 -35.39 -18.53 3.31
N PRO B 312 -18.23 -25.96 8.48
CA PRO B 312 -17.24 -25.30 9.37
C PRO B 312 -15.79 -25.64 8.98
N GLN B 313 -15.06 -24.70 8.34
CA GLN B 313 -13.95 -25.08 7.48
C GLN B 313 -12.87 -23.98 7.36
N GLY B 314 -11.66 -24.46 7.02
CA GLY B 314 -10.48 -23.64 6.84
C GLY B 314 -9.70 -23.55 8.15
N SER B 315 -8.88 -22.52 8.27
CA SER B 315 -8.22 -22.19 9.52
C SER B 315 -9.25 -21.99 10.65
N LEU B 316 -10.46 -21.57 10.29
CA LEU B 316 -11.47 -21.36 11.29
C LEU B 316 -11.73 -22.61 12.14
N SER B 317 -11.79 -23.81 11.53
CA SER B 317 -12.07 -25.02 12.29
C SER B 317 -10.95 -25.30 13.30
N LEU B 318 -9.71 -25.10 12.84
CA LEU B 318 -8.56 -25.30 13.67
C LEU B 318 -8.60 -24.31 14.85
N ALA B 319 -8.87 -23.04 14.54
CA ALA B 319 -8.86 -22.01 15.57
C ALA B 319 -9.93 -22.34 16.63
N ARG B 320 -11.06 -22.88 16.19
CA ARG B 320 -12.15 -23.22 17.12
C ARG B 320 -11.76 -24.34 18.07
N GLU B 321 -11.13 -25.39 17.53
CA GLU B 321 -10.48 -26.43 18.32
C GLU B 321 -9.59 -25.79 19.39
N TRP B 322 -8.68 -24.88 18.99
CA TRP B 322 -7.75 -24.31 19.94
C TRP B 322 -8.49 -23.53 21.02
N LEU B 323 -9.50 -22.75 20.62
CA LEU B 323 -10.20 -21.94 21.59
C LEU B 323 -10.95 -22.81 22.60
N SER B 324 -11.43 -23.98 22.19
CA SER B 324 -12.16 -24.82 23.12
C SER B 324 -11.21 -25.62 24.05
N SER B 325 -9.94 -25.82 23.67
CA SER B 325 -8.97 -26.48 24.54
C SER B 325 -8.27 -25.51 25.50
N ALA B 326 -8.44 -24.20 25.35
CA ALA B 326 -7.66 -23.26 26.12
C ALA B 326 -8.06 -23.28 27.59
N ASP B 327 -7.09 -23.11 28.50
CA ASP B 327 -7.38 -22.71 29.87
C ASP B 327 -7.32 -21.18 30.05
N ALA B 328 -6.68 -20.46 29.14
CA ALA B 328 -6.57 -19.02 29.32
C ALA B 328 -6.57 -18.32 27.98
N VAL B 329 -7.05 -17.09 27.93
CA VAL B 329 -7.14 -16.38 26.67
C VAL B 329 -6.72 -14.94 26.88
N LEU B 330 -5.82 -14.50 26.00
CA LEU B 330 -5.42 -13.13 25.89
C LEU B 330 -6.00 -12.58 24.59
N VAL B 331 -6.78 -11.48 24.68
CA VAL B 331 -7.15 -10.73 23.52
C VAL B 331 -6.17 -9.58 23.37
N THR B 332 -5.48 -9.51 22.23
CA THR B 332 -4.74 -8.30 21.86
C THR B 332 -5.48 -7.64 20.71
N ALA B 333 -5.83 -6.38 20.81
CA ALA B 333 -6.62 -5.76 19.76
C ALA B 333 -6.00 -4.48 19.30
N GLY B 334 -6.20 -4.21 18.01
CA GLY B 334 -5.85 -2.94 17.43
C GLY B 334 -7.08 -2.24 16.87
N ALA B 335 -6.82 -1.24 16.02
CA ALA B 335 -7.85 -0.40 15.48
C ALA B 335 -8.87 -1.23 14.67
N GLY B 336 -8.44 -2.35 14.10
CA GLY B 336 -9.30 -3.07 13.19
C GLY B 336 -10.53 -3.59 13.90
N LEU B 337 -10.47 -3.79 15.23
CA LEU B 337 -11.63 -4.36 15.91
C LEU B 337 -12.76 -3.35 15.95
N SER B 338 -12.44 -2.13 16.35
CA SER B 338 -13.45 -1.09 16.36
C SER B 338 -13.88 -0.71 14.94
N ALA B 339 -12.96 -0.75 13.97
CA ALA B 339 -13.31 -0.47 12.57
C ALA B 339 -14.39 -1.44 12.09
N ALA B 340 -14.34 -2.70 12.53
CA ALA B 340 -15.34 -3.69 12.20
C ALA B 340 -16.74 -3.33 12.74
N GLU B 341 -16.81 -2.46 13.74
CA GLU B 341 -18.07 -2.11 14.35
C GLU B 341 -18.61 -0.88 13.65
N GLY B 342 -17.86 -0.31 12.70
CA GLY B 342 -18.35 0.86 11.96
C GLY B 342 -17.59 2.14 12.30
N LEU B 343 -16.66 2.05 13.25
CA LEU B 343 -15.82 3.17 13.61
C LEU B 343 -14.52 3.13 12.81
N ASP B 344 -14.44 3.76 11.63
CA ASP B 344 -13.16 3.90 10.94
C ASP B 344 -12.41 5.11 11.53
N LEU B 363 -4.46 6.54 3.71
CA LEU B 363 -4.42 5.82 5.00
C LEU B 363 -4.05 6.82 6.08
N THR B 364 -4.41 6.58 7.35
CA THR B 364 -4.47 7.67 8.31
C THR B 364 -4.25 7.11 9.74
N SER B 365 -3.77 7.92 10.70
CA SER B 365 -3.63 7.50 12.11
C SER B 365 -4.61 8.26 13.01
N LEU B 366 -5.92 8.20 12.70
CA LEU B 366 -6.94 9.14 13.18
C LEU B 366 -6.36 10.56 13.13
N TYR B 367 -6.08 10.92 11.88
CA TYR B 367 -5.38 12.13 11.47
C TYR B 367 -6.23 13.28 12.02
N SER B 368 -7.56 13.10 12.07
CA SER B 368 -8.45 14.20 12.44
C SER B 368 -8.08 14.75 13.80
N VAL B 369 -7.82 13.82 14.72
CA VAL B 369 -7.54 14.19 16.07
C VAL B 369 -6.10 14.64 16.19
N PHE B 370 -5.13 13.83 15.70
CA PHE B 370 -3.74 14.09 16.05
C PHE B 370 -2.93 14.81 14.97
N GLY B 371 -3.32 14.64 13.71
CA GLY B 371 -2.54 15.11 12.57
C GLY B 371 -2.99 16.47 12.06
N PHE B 372 -4.28 16.57 11.71
CA PHE B 372 -4.88 17.79 11.21
C PHE B 372 -4.45 18.96 12.08
N ASN B 373 -4.04 20.04 11.42
CA ASN B 373 -3.56 21.16 12.19
C ASN B 373 -3.84 22.47 11.46
N ASP B 374 -5.11 22.69 11.10
CA ASP B 374 -5.54 23.96 10.55
C ASP B 374 -6.88 24.35 11.19
N TRP B 375 -6.91 24.38 12.53
CA TRP B 375 -8.13 24.74 13.24
C TRP B 375 -8.34 26.24 13.18
N PRO B 376 -9.52 26.76 12.78
CA PRO B 376 -9.73 28.22 12.91
C PRO B 376 -9.55 28.77 14.32
N SER B 377 -9.67 27.93 15.36
CA SER B 377 -9.48 28.37 16.75
C SER B 377 -9.52 27.15 17.67
N GLU B 378 -9.15 27.33 18.94
CA GLU B 378 -9.25 26.29 19.94
C GLU B 378 -10.72 25.90 20.20
N GLU B 379 -11.66 26.82 19.97
CA GLU B 379 -13.07 26.55 20.15
C GLU B 379 -13.51 25.56 19.09
N HIS B 380 -12.92 25.66 17.89
CA HIS B 380 -13.22 24.66 16.87
C HIS B 380 -12.53 23.33 17.17
N ARG B 381 -11.30 23.42 17.70
CA ARG B 381 -10.53 22.22 17.96
C ARG B 381 -11.29 21.40 18.98
N TRP B 382 -11.66 22.01 20.12
CA TRP B 382 -12.29 21.22 21.16
C TRP B 382 -13.75 20.92 20.83
N GLY B 383 -14.40 21.76 20.05
CA GLY B 383 -15.72 21.39 19.57
C GLY B 383 -15.64 20.09 18.79
N TYR B 384 -14.57 19.94 18.00
CA TYR B 384 -14.44 18.70 17.28
C TYR B 384 -14.01 17.57 18.20
N PHE B 385 -13.00 17.81 19.06
CA PHE B 385 -12.50 16.73 19.91
C PHE B 385 -13.61 16.23 20.83
N PHE B 386 -14.35 17.16 21.42
CA PHE B 386 -15.42 16.76 22.34
C PHE B 386 -16.55 16.02 21.61
N THR B 387 -16.86 16.41 20.38
CA THR B 387 -17.89 15.73 19.63
C THR B 387 -17.44 14.36 19.23
N HIS B 388 -16.17 14.23 18.81
CA HIS B 388 -15.61 12.93 18.58
C HIS B 388 -15.60 12.03 19.83
N LEU B 389 -15.09 12.50 20.98
CA LEU B 389 -15.00 11.65 22.16
C LEU B 389 -16.40 11.17 22.52
N ASN B 390 -17.36 12.09 22.46
CA ASN B 390 -18.73 11.79 22.79
C ASN B 390 -19.33 10.71 21.87
N MET B 391 -19.07 10.84 20.58
CA MET B 391 -19.65 9.92 19.61
C MET B 391 -19.12 8.52 19.90
N VAL B 392 -17.83 8.42 20.14
CA VAL B 392 -17.20 7.13 20.37
C VAL B 392 -17.73 6.53 21.66
N ALA B 393 -17.80 7.37 22.69
CA ALA B 393 -18.27 6.94 24.00
C ALA B 393 -19.70 6.43 23.93
N ASN B 394 -20.51 6.94 23.01
CA ASN B 394 -21.90 6.49 22.85
C ASN B 394 -22.10 5.58 21.64
N TRP B 395 -21.05 4.98 21.06
CA TRP B 395 -21.23 4.08 19.93
C TRP B 395 -22.17 2.89 20.23
N SER B 396 -23.29 2.81 19.51
CA SER B 396 -24.32 1.87 19.91
C SER B 396 -24.15 0.55 19.17
N ASN B 397 -23.57 0.54 17.98
CA ASN B 397 -23.34 -0.70 17.24
C ASN B 397 -22.03 -1.37 17.69
N THR B 398 -22.10 -2.28 18.68
CA THR B 398 -20.94 -3.02 19.11
C THR B 398 -21.28 -4.51 19.25
N PRO B 399 -21.80 -5.17 18.20
CA PRO B 399 -22.20 -6.59 18.29
C PRO B 399 -21.02 -7.54 18.50
N THR B 400 -19.85 -7.17 17.99
CA THR B 400 -18.70 -8.02 18.16
C THR B 400 -18.20 -8.00 19.61
N TYR B 401 -18.15 -6.80 20.22
CA TYR B 401 -17.83 -6.68 21.62
C TYR B 401 -18.85 -7.47 22.45
N GLN B 402 -20.16 -7.39 22.06
CA GLN B 402 -21.24 -7.99 22.85
C GLN B 402 -21.18 -9.52 22.76
N THR B 403 -20.52 -10.07 21.75
CA THR B 403 -20.29 -11.50 21.64
C THR B 403 -18.98 -11.90 22.33
N LEU B 404 -17.92 -11.13 22.13
CA LEU B 404 -16.61 -11.48 22.68
C LEU B 404 -16.62 -11.44 24.20
N ILE B 405 -17.20 -10.42 24.80
CA ILE B 405 -17.05 -10.17 26.23
C ILE B 405 -17.70 -11.27 27.08
N PRO B 406 -18.97 -11.70 26.84
CA PRO B 406 -19.59 -12.80 27.59
C PRO B 406 -18.86 -14.12 27.45
N TRP B 407 -18.34 -14.36 26.25
CA TRP B 407 -17.49 -15.52 26.05
C TRP B 407 -16.21 -15.41 26.90
N LEU B 408 -15.52 -14.26 26.92
CA LEU B 408 -14.33 -14.12 27.74
C LEU B 408 -14.63 -14.36 29.22
N ARG B 409 -15.83 -13.97 29.68
CA ARG B 409 -16.17 -14.10 31.09
C ARG B 409 -16.15 -15.53 31.62
N ASN B 410 -16.39 -16.54 30.78
CA ASN B 410 -16.28 -17.94 31.17
C ASN B 410 -14.89 -18.32 31.71
N PHE B 411 -13.88 -17.50 31.46
CA PHE B 411 -12.50 -17.81 31.80
C PHE B 411 -12.15 -17.26 33.19
N GLY B 412 -13.09 -16.50 33.76
CA GLY B 412 -12.84 -15.82 35.01
C GLY B 412 -11.56 -15.01 34.93
N GLN B 413 -10.64 -15.31 35.83
CA GLN B 413 -9.51 -14.45 36.02
C GLN B 413 -8.43 -14.80 34.97
N ASP B 414 -8.68 -15.85 34.17
CA ASP B 414 -7.73 -16.30 33.18
C ASP B 414 -8.10 -15.76 31.79
N ALA B 415 -8.64 -14.56 31.74
CA ALA B 415 -8.83 -13.84 30.49
C ALA B 415 -8.29 -12.43 30.68
N PHE B 416 -7.71 -11.86 29.60
CA PHE B 416 -7.09 -10.56 29.75
C PHE B 416 -7.16 -9.88 28.37
N VAL B 417 -7.33 -8.56 28.36
CA VAL B 417 -7.43 -7.78 27.14
C VAL B 417 -6.32 -6.73 27.16
N ARG B 418 -5.54 -6.70 26.10
CA ARG B 418 -4.51 -5.72 25.91
C ARG B 418 -4.77 -5.09 24.54
N THR B 419 -5.01 -3.77 24.49
CA THR B 419 -5.38 -3.13 23.26
C THR B 419 -4.49 -1.92 23.03
N SER B 420 -4.12 -1.71 21.75
CA SER B 420 -3.30 -0.56 21.35
C SER B 420 -4.19 0.55 20.80
N ALA B 421 -5.47 0.31 20.70
CA ALA B 421 -6.35 1.33 20.14
C ALA B 421 -7.49 1.50 21.10
N ALA B 422 -7.22 2.17 22.21
CA ALA B 422 -8.16 2.22 23.31
C ALA B 422 -9.17 3.34 23.10
N ASP B 423 -10.21 3.03 22.32
CA ASP B 423 -11.30 3.98 22.15
C ASP B 423 -12.29 3.87 23.32
N GLY B 424 -12.04 2.95 24.26
CA GLY B 424 -12.89 2.77 25.43
C GLY B 424 -13.99 1.72 25.28
N LEU B 425 -14.06 1.03 24.12
CA LEU B 425 -15.24 0.21 23.87
C LEU B 425 -15.16 -1.08 24.68
N PHE B 426 -13.99 -1.57 25.08
CA PHE B 426 -14.01 -2.71 26.02
C PHE B 426 -14.71 -2.36 27.34
N LEU B 427 -14.37 -1.20 27.95
CA LEU B 427 -14.93 -0.84 29.24
C LEU B 427 -16.43 -0.60 29.11
N ALA B 428 -16.82 0.04 28.02
CA ALA B 428 -18.19 0.48 27.81
C ALA B 428 -19.09 -0.69 27.43
N ASN B 429 -18.52 -1.83 27.09
CA ASN B 429 -19.31 -3.02 26.89
C ASN B 429 -19.06 -4.01 28.02
N GLY B 430 -18.47 -3.55 29.12
CA GLY B 430 -18.58 -4.30 30.37
C GLY B 430 -17.35 -5.12 30.77
N TRP B 431 -16.23 -4.96 30.08
CA TRP B 431 -15.03 -5.67 30.45
C TRP B 431 -14.42 -4.94 31.63
N PRO B 432 -13.95 -5.60 32.70
CA PRO B 432 -13.42 -4.87 33.84
C PRO B 432 -12.03 -4.30 33.61
N LYS B 433 -11.79 -3.12 34.16
CA LYS B 433 -10.52 -2.43 34.07
C LYS B 433 -9.42 -3.23 34.72
N GLU B 434 -9.70 -4.09 35.70
CA GLU B 434 -8.65 -4.88 36.34
C GLU B 434 -8.12 -5.99 35.45
N GLN B 435 -8.76 -6.27 34.31
CA GLN B 435 -8.34 -7.31 33.38
C GLN B 435 -8.05 -6.70 32.03
N LEU B 436 -7.66 -5.42 32.05
CA LEU B 436 -7.44 -4.67 30.82
C LEU B 436 -6.10 -3.93 30.87
N SER B 437 -5.44 -3.87 29.73
CA SER B 437 -4.27 -3.05 29.54
C SER B 437 -4.37 -2.17 28.30
N THR B 438 -3.78 -0.95 28.37
CA THR B 438 -3.81 0.00 27.28
C THR B 438 -2.48 0.72 27.12
N PRO B 439 -1.43 0.07 26.58
CA PRO B 439 -0.11 0.68 26.60
C PRO B 439 0.13 1.90 25.70
N GLN B 440 -0.75 2.16 24.74
CA GLN B 440 -0.57 3.33 23.89
C GLN B 440 -1.54 4.41 24.33
N GLY B 441 -2.17 4.24 25.49
CA GLY B 441 -3.02 5.28 26.04
C GLY B 441 -4.44 5.08 25.55
N SER B 442 -5.32 6.03 25.85
CA SER B 442 -6.74 5.87 25.52
C SER B 442 -7.40 7.21 25.47
N TYR B 443 -8.66 7.22 25.04
CA TYR B 443 -9.50 8.40 25.00
C TYR B 443 -10.00 8.78 26.39
N GLY B 444 -9.81 7.88 27.38
CA GLY B 444 -10.29 8.15 28.72
C GLY B 444 -9.54 9.27 29.45
N TYR B 445 -8.36 9.74 28.98
CA TYR B 445 -7.66 10.85 29.64
C TYR B 445 -7.23 11.91 28.64
N LEU B 446 -7.10 13.13 29.16
CA LEU B 446 -6.38 14.22 28.51
C LEU B 446 -5.09 14.53 29.29
N GLN B 447 -4.11 15.17 28.63
CA GLN B 447 -2.87 15.56 29.27
C GLN B 447 -2.39 16.87 28.74
N CYS B 448 -1.56 17.46 29.59
CA CYS B 448 -0.72 18.60 29.22
C CYS B 448 0.16 18.27 28.01
N LEU B 449 0.18 19.15 27.02
CA LEU B 449 0.85 18.91 25.74
C LEU B 449 2.34 19.21 25.85
N ASN B 450 2.75 19.94 26.90
CA ASN B 450 4.14 20.11 27.29
C ASN B 450 4.57 19.13 28.37
N ASN B 451 3.65 18.28 28.82
CA ASN B 451 3.93 17.20 29.75
C ASN B 451 4.75 17.73 30.92
N CYS B 452 4.20 18.70 31.63
CA CYS B 452 4.94 19.50 32.59
C CYS B 452 5.30 18.73 33.84
N ARG B 453 4.44 17.79 34.25
CA ARG B 453 4.66 16.86 35.34
C ARG B 453 3.70 15.68 35.14
N VAL B 454 3.95 14.61 35.87
CA VAL B 454 3.32 13.32 35.75
C VAL B 454 1.83 13.39 36.13
N ASP B 455 1.43 14.35 36.98
CA ASP B 455 0.04 14.48 37.38
C ASP B 455 -0.80 15.40 36.48
N ALA B 456 -0.18 16.06 35.48
CA ALA B 456 -0.90 16.87 34.50
C ALA B 456 -1.71 16.03 33.49
N VAL B 457 -2.68 15.27 33.99
CA VAL B 457 -3.62 14.43 33.27
C VAL B 457 -4.97 14.51 33.98
N VAL B 458 -6.03 14.27 33.23
CA VAL B 458 -7.37 14.37 33.80
C VAL B 458 -8.35 13.45 33.07
N PRO B 459 -9.33 12.80 33.75
CA PRO B 459 -10.31 11.99 33.01
C PRO B 459 -11.07 12.86 32.00
N SER B 460 -11.28 12.35 30.79
CA SER B 460 -11.95 13.09 29.74
C SER B 460 -13.47 13.08 29.91
N ALA B 461 -14.06 11.97 30.40
CA ALA B 461 -15.52 11.83 30.37
C ALA B 461 -16.20 13.04 31.04
N PRO B 462 -15.80 13.54 32.24
CA PRO B 462 -16.57 14.63 32.86
C PRO B 462 -16.46 15.92 32.07
N LEU B 463 -15.32 16.12 31.39
CA LEU B 463 -15.14 17.32 30.56
C LEU B 463 -16.00 17.26 29.28
N VAL B 464 -16.03 16.11 28.59
CA VAL B 464 -16.95 15.85 27.49
C VAL B 464 -18.38 16.17 27.91
N ALA B 465 -18.84 15.58 29.03
CA ALA B 465 -20.23 15.77 29.47
C ALA B 465 -20.52 17.24 29.69
N ASP B 466 -19.60 17.95 30.37
CA ASP B 466 -19.81 19.33 30.74
C ASP B 466 -19.77 20.22 29.50
N ALA B 467 -19.04 19.80 28.44
CA ALA B 467 -18.86 20.66 27.28
C ALA B 467 -19.99 20.51 26.27
N MET B 468 -20.54 19.30 26.11
CA MET B 468 -21.41 18.97 24.97
C MET B 468 -22.63 19.91 24.88
N PRO B 469 -23.31 20.30 25.97
CA PRO B 469 -24.41 21.24 25.84
C PRO B 469 -24.04 22.59 25.24
N HIS B 470 -22.74 22.89 25.15
CA HIS B 470 -22.31 24.21 24.73
C HIS B 470 -21.67 24.16 23.36
N ILE B 471 -21.80 23.07 22.63
CA ILE B 471 -21.20 22.94 21.31
C ILE B 471 -22.28 23.07 20.24
N ASP B 472 -22.18 24.08 19.37
CA ASP B 472 -22.99 24.20 18.15
C ASP B 472 -22.71 23.00 17.22
N LYS B 473 -23.66 22.09 17.09
CA LYS B 473 -23.45 20.81 16.44
C LYS B 473 -23.26 20.96 14.93
N ALA B 474 -23.71 22.05 14.32
CA ALA B 474 -23.62 22.16 12.87
C ALA B 474 -22.18 22.56 12.47
N THR B 475 -21.52 23.42 13.25
CA THR B 475 -20.15 23.84 12.99
C THR B 475 -19.10 23.11 13.86
N GLN B 476 -19.54 22.32 14.84
CA GLN B 476 -18.70 21.71 15.85
C GLN B 476 -17.81 22.74 16.51
N LYS B 477 -18.40 23.88 16.85
CA LYS B 477 -17.71 24.91 17.58
C LYS B 477 -18.20 24.90 19.05
N LEU B 478 -17.23 25.01 19.94
CA LEU B 478 -17.48 25.13 21.35
C LEU B 478 -17.79 26.58 21.63
N MET B 479 -19.00 26.85 22.19
CA MET B 479 -19.52 28.21 22.24
C MET B 479 -19.24 28.85 23.61
N ASP B 480 -18.65 28.10 24.56
CA ASP B 480 -18.21 28.63 25.85
C ASP B 480 -16.71 28.41 26.03
N PRO B 481 -15.85 29.44 25.81
CA PRO B 481 -14.40 29.29 25.91
C PRO B 481 -13.87 28.84 27.27
N SER B 482 -14.65 28.99 28.34
CA SER B 482 -14.19 28.54 29.64
C SER B 482 -14.09 27.01 29.69
N LYS B 483 -14.66 26.29 28.70
CA LYS B 483 -14.55 24.83 28.65
C LYS B 483 -13.40 24.32 27.77
N ILE B 484 -12.58 25.18 27.23
CA ILE B 484 -11.35 24.71 26.63
C ILE B 484 -10.55 24.12 27.76
N PRO B 485 -10.10 22.87 27.74
CA PRO B 485 -9.20 22.36 28.79
C PRO B 485 -7.81 23.00 28.67
N LEU B 486 -7.32 23.53 29.78
CA LEU B 486 -5.95 24.00 29.90
C LEU B 486 -5.30 23.28 31.05
N CYS B 487 -4.01 22.97 30.95
CA CYS B 487 -3.28 22.35 32.05
C CYS B 487 -3.45 23.19 33.33
N ARG B 488 -3.88 22.56 34.41
CA ARG B 488 -4.20 23.24 35.67
C ARG B 488 -2.91 23.54 36.44
N PHE B 489 -1.76 23.07 35.97
CA PHE B 489 -0.45 23.33 36.52
C PHE B 489 0.36 24.38 35.73
N CYS B 490 0.32 24.44 34.39
CA CYS B 490 1.21 25.34 33.64
C CYS B 490 0.44 26.21 32.63
N GLY B 491 -0.86 25.94 32.41
CA GLY B 491 -1.71 26.73 31.53
C GLY B 491 -1.55 26.33 30.06
N SER B 492 -0.82 25.27 29.78
CA SER B 492 -0.62 24.94 28.39
C SER B 492 -1.85 24.18 27.83
N LYS B 493 -1.90 24.16 26.52
CA LYS B 493 -2.86 23.38 25.78
C LYS B 493 -2.79 21.91 26.20
N MET B 494 -3.93 21.24 25.98
CA MET B 494 -4.02 19.83 26.27
C MET B 494 -4.30 19.02 25.01
N SER B 495 -4.05 17.73 25.11
CA SER B 495 -4.40 16.79 24.10
C SER B 495 -4.95 15.53 24.75
N ILE B 496 -5.52 14.66 23.94
CA ILE B 496 -5.92 13.33 24.33
C ILE B 496 -4.64 12.55 24.60
N CYS B 497 -4.71 11.76 25.68
CA CYS B 497 -3.53 11.11 26.24
C CYS B 497 -3.32 9.76 25.56
N VAL B 498 -2.84 9.83 24.31
CA VAL B 498 -2.56 8.68 23.45
C VAL B 498 -1.16 8.83 22.89
N ARG B 499 -0.43 7.75 22.61
CA ARG B 499 0.93 7.86 22.12
CA ARG B 499 0.94 7.87 22.14
C ARG B 499 0.92 8.31 20.68
N ALA B 500 1.05 9.63 20.48
CA ALA B 500 1.03 10.28 19.18
C ALA B 500 2.13 11.34 19.11
N GLY B 501 3.17 11.22 19.94
CA GLY B 501 4.24 12.18 19.95
C GLY B 501 5.09 12.04 21.20
N SER B 502 6.23 12.75 21.23
CA SER B 502 7.21 12.63 22.28
C SER B 502 6.65 13.12 23.60
N TRP B 503 5.53 13.87 23.57
CA TRP B 503 4.97 14.45 24.80
C TRP B 503 4.16 13.43 25.59
N PHE B 504 3.91 12.23 25.04
CA PHE B 504 3.00 11.29 25.65
C PHE B 504 3.39 11.03 27.11
N ASN B 505 2.42 11.10 28.02
CA ASN B 505 2.62 10.75 29.40
C ASN B 505 1.92 9.44 29.68
N GLN B 506 2.68 8.43 30.04
CA GLN B 506 2.15 7.09 30.09
C GLN B 506 1.75 6.73 31.53
N ALA B 507 1.90 7.67 32.46
CA ALA B 507 1.63 7.38 33.89
C ALA B 507 0.23 6.82 34.15
N PRO B 508 -0.87 7.33 33.53
CA PRO B 508 -2.18 6.77 33.78
C PRO B 508 -2.39 5.32 33.39
N TYR B 509 -1.48 4.75 32.58
CA TYR B 509 -1.65 3.39 32.09
C TYR B 509 -0.73 2.43 32.83
N GLN B 510 0.05 2.91 33.81
CA GLN B 510 1.06 2.09 34.47
C GLN B 510 0.41 0.98 35.32
N GLU B 511 -0.72 1.27 35.91
CA GLU B 511 -1.44 0.24 36.62
C GLU B 511 -1.87 -0.86 35.65
N GLY B 512 -2.36 -0.44 34.46
CA GLY B 512 -2.64 -1.39 33.40
C GLY B 512 -1.45 -2.27 33.02
N GLU B 513 -0.28 -1.66 32.83
CA GLU B 513 0.93 -2.39 32.50
C GLU B 513 1.29 -3.36 33.63
N ALA B 514 1.11 -2.96 34.89
CA ALA B 514 1.42 -3.83 36.01
C ALA B 514 0.49 -5.04 36.05
N GLN B 515 -0.82 -4.85 35.81
CA GLN B 515 -1.79 -5.94 35.66
C GLN B 515 -1.40 -6.91 34.56
N TRP B 516 -0.88 -6.40 33.45
CA TRP B 516 -0.46 -7.25 32.34
C TRP B 516 0.76 -8.10 32.70
N LYS B 517 1.77 -7.47 33.31
CA LYS B 517 2.94 -8.22 33.77
C LYS B 517 2.56 -9.28 34.79
N ALA B 518 1.67 -8.96 35.73
CA ALA B 518 1.32 -9.95 36.75
C ALA B 518 0.52 -11.10 36.12
N TRP B 519 -0.33 -10.81 35.13
CA TRP B 519 -1.18 -11.83 34.54
C TRP B 519 -0.37 -12.80 33.70
N LYS B 520 0.46 -12.26 32.78
CA LYS B 520 1.30 -13.08 31.91
C LYS B 520 2.20 -13.95 32.77
N SER B 521 2.86 -13.31 33.73
CA SER B 521 3.77 -13.97 34.64
C SER B 521 3.08 -15.17 35.30
N ARG B 522 1.90 -14.98 35.88
CA ARG B 522 1.16 -16.07 36.49
C ARG B 522 0.71 -17.10 35.46
N VAL B 523 0.20 -16.70 34.29
CA VAL B 523 -0.35 -17.71 33.38
C VAL B 523 0.77 -18.59 32.81
N LEU B 524 1.97 -18.02 32.61
CA LEU B 524 3.06 -18.75 31.99
C LEU B 524 3.64 -19.74 32.98
N ARG B 525 3.68 -19.37 34.26
CA ARG B 525 4.36 -20.15 35.27
C ARG B 525 3.45 -21.28 35.74
N GLU B 526 2.13 -21.09 35.60
CA GLU B 526 1.16 -22.12 35.95
C GLU B 526 1.03 -23.10 34.79
N LYS B 527 1.82 -22.91 33.72
CA LYS B 527 1.88 -23.77 32.54
C LYS B 527 0.49 -24.07 31.96
N LYS B 528 -0.39 -23.07 31.94
CA LYS B 528 -1.69 -23.21 31.30
C LYS B 528 -1.57 -23.13 29.79
N ASN B 529 -2.56 -23.68 29.08
CA ASN B 529 -2.70 -23.58 27.64
C ASN B 529 -3.35 -22.27 27.23
N LEU B 530 -2.50 -21.33 26.83
CA LEU B 530 -2.94 -19.98 26.56
C LEU B 530 -3.18 -19.87 25.07
N VAL B 531 -4.32 -19.30 24.69
CA VAL B 531 -4.56 -18.83 23.33
C VAL B 531 -4.59 -17.30 23.26
N ILE B 532 -3.80 -16.75 22.33
CA ILE B 532 -3.81 -15.36 21.96
C ILE B 532 -4.65 -15.18 20.71
N LEU B 533 -5.78 -14.54 20.92
CA LEU B 533 -6.65 -14.07 19.85
C LEU B 533 -6.27 -12.61 19.56
N GLU B 534 -5.64 -12.37 18.42
CA GLU B 534 -5.11 -11.06 18.08
C GLU B 534 -6.00 -10.48 17.00
N LEU B 535 -6.69 -9.37 17.33
CA LEU B 535 -7.81 -8.92 16.54
C LEU B 535 -7.53 -7.56 15.95
N GLY B 536 -7.33 -7.47 14.62
CA GLY B 536 -7.27 -6.16 14.00
C GLY B 536 -6.04 -5.32 14.37
N VAL B 537 -4.86 -5.93 14.44
CA VAL B 537 -3.64 -5.20 14.69
C VAL B 537 -2.93 -5.06 13.35
N GLY B 538 -2.62 -3.82 12.95
CA GLY B 538 -1.93 -3.50 11.72
C GLY B 538 -0.42 -3.50 11.92
N MET B 539 0.32 -2.81 11.05
CA MET B 539 1.75 -3.05 10.93
C MET B 539 2.53 -1.77 11.28
N ASN B 540 1.88 -0.71 11.78
CA ASN B 540 2.60 0.52 12.02
C ASN B 540 3.53 0.40 13.22
N THR B 541 3.16 -0.33 14.29
CA THR B 541 4.07 -0.46 15.42
C THR B 541 4.05 -1.91 15.85
N PRO B 542 4.63 -2.82 15.05
CA PRO B 542 4.49 -4.26 15.31
C PRO B 542 5.13 -4.72 16.63
N GLY B 543 5.99 -3.92 17.23
CA GLY B 543 6.61 -4.28 18.49
C GLY B 543 5.70 -4.15 19.72
N VAL B 544 4.54 -3.52 19.60
CA VAL B 544 3.67 -3.32 20.74
C VAL B 544 2.89 -4.60 21.04
N LEU B 545 2.28 -5.23 20.03
CA LEU B 545 1.55 -6.47 20.26
C LEU B 545 2.01 -7.65 19.40
N ARG B 546 2.22 -7.44 18.10
CA ARG B 546 2.32 -8.51 17.14
C ARG B 546 3.60 -9.32 17.38
N TRP B 547 4.73 -8.65 17.56
CA TRP B 547 5.98 -9.35 17.75
C TRP B 547 5.98 -10.02 19.14
N PRO B 548 5.57 -9.36 20.25
CA PRO B 548 5.50 -10.05 21.55
C PRO B 548 4.59 -11.28 21.53
N ASN B 549 3.45 -11.21 20.85
CA ASN B 549 2.66 -12.41 20.59
C ASN B 549 3.48 -13.52 19.92
N GLU B 550 4.15 -13.25 18.81
CA GLU B 550 4.95 -14.27 18.10
C GLU B 550 6.06 -14.79 19.03
N ASP B 551 6.58 -13.89 19.85
CA ASP B 551 7.63 -14.26 20.75
C ASP B 551 7.11 -15.25 21.82
N LEU B 552 5.93 -14.98 22.39
CA LEU B 552 5.43 -15.88 23.42
C LEU B 552 5.29 -17.26 22.83
N VAL B 553 4.78 -17.30 21.59
CA VAL B 553 4.55 -18.58 20.96
C VAL B 553 5.86 -19.33 20.84
N MET B 554 6.92 -18.63 20.40
CA MET B 554 8.20 -19.22 20.12
C MET B 554 8.86 -19.76 21.40
N ARG B 555 8.78 -19.05 22.52
CA ARG B 555 9.41 -19.42 23.78
C ARG B 555 8.68 -20.51 24.55
N SER B 556 7.38 -20.71 24.32
CA SER B 556 6.52 -21.37 25.30
C SER B 556 6.25 -22.85 24.97
N ASP B 557 6.93 -23.40 23.96
CA ASP B 557 7.02 -24.83 23.74
C ASP B 557 5.65 -25.47 23.58
N GLY B 558 4.72 -24.73 22.99
CA GLY B 558 3.44 -25.33 22.67
C GLY B 558 2.38 -25.05 23.72
N ARG B 559 2.73 -24.31 24.77
CA ARG B 559 1.74 -23.91 25.77
C ARG B 559 1.01 -22.62 25.34
N VAL B 560 1.52 -21.92 24.33
CA VAL B 560 0.95 -20.67 23.87
C VAL B 560 0.69 -20.81 22.38
N LYS B 561 -0.54 -20.49 21.94
CA LYS B 561 -0.87 -20.47 20.53
C LYS B 561 -1.44 -19.11 20.17
N LEU B 562 -1.30 -18.77 18.90
CA LEU B 562 -1.72 -17.48 18.35
C LEU B 562 -2.75 -17.72 17.26
N ILE B 563 -3.87 -17.01 17.36
CA ILE B 563 -4.84 -16.91 16.28
C ILE B 563 -4.87 -15.44 15.88
N ARG B 564 -4.46 -15.13 14.66
CA ARG B 564 -4.47 -13.76 14.18
C ARG B 564 -5.69 -13.62 13.25
N VAL B 565 -6.48 -12.57 13.45
CA VAL B 565 -7.71 -12.36 12.69
C VAL B 565 -7.65 -10.93 12.19
N GLY B 566 -7.86 -10.76 10.89
CA GLY B 566 -7.92 -9.45 10.32
C GLY B 566 -8.14 -9.51 8.82
N MET B 567 -8.41 -8.35 8.22
CA MET B 567 -8.58 -8.27 6.80
C MET B 567 -7.24 -8.02 6.12
N GLY B 568 -7.13 -8.50 4.91
CA GLY B 568 -5.92 -8.20 4.18
C GLY B 568 -4.72 -9.04 4.63
N PRO B 569 -3.58 -8.87 3.96
CA PRO B 569 -2.49 -9.85 4.08
C PRO B 569 -1.61 -9.73 5.32
N GLU B 570 -1.76 -8.67 6.13
CA GLU B 570 -1.14 -8.64 7.46
C GLU B 570 -1.81 -9.62 8.44
N ALA B 571 -2.93 -10.25 8.06
CA ALA B 571 -3.45 -11.30 8.91
C ALA B 571 -2.53 -12.52 9.00
N MET B 572 -1.49 -12.62 8.16
CA MET B 572 -0.74 -13.87 8.09
C MET B 572 0.14 -14.04 9.34
N VAL B 573 0.44 -15.27 9.73
CA VAL B 573 1.34 -15.58 10.84
C VAL B 573 2.64 -16.19 10.29
N PRO B 574 3.71 -16.31 11.10
CA PRO B 574 4.94 -16.92 10.63
C PRO B 574 4.77 -18.36 10.11
N TRP B 575 5.26 -18.62 8.89
CA TRP B 575 5.09 -19.88 8.21
C TRP B 575 5.49 -21.05 9.09
N GLU B 576 6.64 -20.90 9.75
CA GLU B 576 7.21 -21.94 10.58
C GLU B 576 6.34 -22.22 11.82
N GLN B 577 5.64 -21.21 12.38
CA GLN B 577 4.76 -21.42 13.52
C GLN B 577 3.50 -22.17 13.07
N GLU B 578 2.98 -21.82 11.89
CA GLU B 578 1.86 -22.58 11.34
C GLU B 578 2.30 -24.04 11.11
N ASP B 579 3.50 -24.27 10.55
CA ASP B 579 3.99 -25.63 10.32
C ASP B 579 4.06 -26.43 11.62
N GLU B 580 4.46 -25.81 12.74
CA GLU B 580 4.48 -26.53 13.99
C GLU B 580 3.09 -26.66 14.60
N GLY B 581 2.02 -26.14 13.96
CA GLY B 581 0.71 -26.15 14.59
C GLY B 581 0.57 -25.25 15.84
N LEU B 582 1.31 -24.13 15.91
CA LEU B 582 1.25 -23.23 17.05
C LEU B 582 0.53 -21.90 16.75
N SER B 583 0.39 -21.52 15.48
CA SER B 583 -0.22 -20.27 15.09
C SER B 583 -1.04 -20.52 13.83
N THR B 584 -2.18 -19.84 13.69
CA THR B 584 -2.94 -19.85 12.47
C THR B 584 -3.55 -18.47 12.26
N CYS B 585 -4.11 -18.22 11.08
CA CYS B 585 -4.85 -16.98 10.96
C CYS B 585 -6.17 -17.15 10.24
N VAL B 586 -7.01 -16.15 10.43
CA VAL B 586 -8.30 -16.05 9.79
C VAL B 586 -8.33 -14.68 9.14
N GLN B 587 -8.24 -14.71 7.81
CA GLN B 587 -8.30 -13.53 7.00
C GLN B 587 -9.75 -13.25 6.55
N GLY B 588 -10.34 -12.22 7.13
CA GLY B 588 -11.72 -11.85 6.92
C GLY B 588 -12.16 -10.74 7.87
N ASP B 589 -13.42 -10.32 7.75
CA ASP B 589 -14.00 -9.31 8.59
C ASP B 589 -14.04 -9.88 10.02
N ILE B 590 -13.46 -9.15 10.99
CA ILE B 590 -13.47 -9.56 12.39
C ILE B 590 -14.92 -9.70 12.87
N GLY B 591 -15.83 -8.86 12.36
CA GLY B 591 -17.24 -8.90 12.76
C GLY B 591 -17.94 -10.17 12.30
N ARG B 592 -17.45 -10.73 11.20
CA ARG B 592 -17.96 -11.98 10.67
C ARG B 592 -17.24 -13.13 11.37
N ALA B 593 -15.93 -13.02 11.60
CA ALA B 593 -15.17 -14.15 12.09
C ALA B 593 -15.48 -14.48 13.54
N ILE B 594 -15.72 -13.43 14.34
CA ILE B 594 -15.83 -13.65 15.77
C ILE B 594 -17.05 -14.51 16.11
N PRO B 595 -18.29 -14.18 15.67
CA PRO B 595 -19.42 -15.06 15.90
C PRO B 595 -19.07 -16.50 15.50
N LEU B 596 -18.37 -16.68 14.35
CA LEU B 596 -18.06 -18.04 13.91
C LEU B 596 -17.00 -18.68 14.81
N LEU B 597 -15.99 -17.92 15.29
CA LEU B 597 -15.03 -18.53 16.18
C LEU B 597 -15.67 -18.94 17.51
N LEU B 598 -16.57 -18.13 18.05
CA LEU B 598 -17.00 -18.26 19.43
C LEU B 598 -18.34 -19.00 19.62
N GLU B 599 -19.16 -19.20 18.58
CA GLU B 599 -20.43 -19.92 18.77
C GLU B 599 -20.21 -21.38 19.18
C1 EDO C . 20.68 27.02 -2.48
O1 EDO C . 20.20 25.69 -2.52
C2 EDO C . 21.87 27.24 -1.59
O2 EDO C . 23.00 26.48 -1.96
C1 EDO D . 32.20 14.93 4.22
O1 EDO D . 30.99 14.59 4.96
C2 EDO D . 33.34 15.45 5.02
O2 EDO D . 33.27 15.05 6.39
S SCN E . 33.05 -15.41 2.80
C SCN E . 33.01 -16.96 3.28
N SCN E . 33.04 -18.07 3.66
S SCN F . -3.02 17.53 -31.02
C SCN F . -2.86 19.08 -30.59
N SCN F . -2.73 20.21 -30.32
S SCN G . 9.34 8.96 11.99
C SCN G . 8.20 10.23 11.99
N SCN G . 7.32 11.11 11.98
S SCN H . 10.31 -0.60 14.61
C SCN H . 11.75 -0.44 13.90
N SCN H . 12.80 -0.39 13.38
C1 EDO I . 28.02 -1.01 -0.31
O1 EDO I . 28.13 0.38 0.09
C2 EDO I . 28.58 -1.99 0.68
O2 EDO I . 29.20 -1.38 1.83
C1 EDO J . 22.23 8.18 14.11
O1 EDO J . 23.24 8.07 15.21
C2 EDO J . 22.65 8.98 12.91
O2 EDO J . 24.04 9.38 13.03
C1 EDO K . 6.88 -0.01 19.01
O1 EDO K . 7.38 -0.13 20.37
C2 EDO K . 7.70 -0.52 17.89
O2 EDO K . 7.10 -1.46 16.99
ZN ZN L . 19.05 -6.20 33.04
K K M . -0.91 19.97 -22.51
C1 EDO N . -21.97 2.28 24.39
O1 EDO N . -22.89 2.09 25.45
C2 EDO N . -21.09 1.08 24.05
O2 EDO N . -20.30 1.20 22.81
C1 EDO O . -22.40 -8.00 27.77
O1 EDO O . -21.20 -7.38 27.26
C2 EDO O . -22.90 -7.50 29.10
O2 EDO O . -21.99 -6.72 29.88
S SCN P . 6.48 8.64 19.86
C SCN P . 5.21 8.51 18.85
N SCN P . 4.33 8.40 18.06
S SCN Q . -3.81 19.33 33.86
C SCN Q . -5.42 19.39 33.67
N SCN Q . -6.58 19.46 33.57
S SCN R . -0.31 -2.15 17.67
C SCN R . 0.81 -3.38 17.53
N SCN R . 1.61 -4.29 17.46
S SCN S . -14.47 8.92 24.47
C SCN S . -14.76 7.32 24.69
N SCN S . -15.01 6.18 24.82
C1 EDO T . -10.65 0.32 26.06
O1 EDO T . -11.69 -0.07 26.88
C2 EDO T . -9.70 1.24 26.79
O2 EDO T . -10.18 2.37 27.52
S SCN U . -10.50 17.57 37.82
C SCN U . -11.11 17.93 36.38
N SCN U . -11.60 18.23 35.40
ZN ZN V . 1.22 21.42 32.18
K K W . -9.45 -27.51 -8.66
#